data_4I9B
#
_entry.id   4I9B
#
_cell.length_a   84.150
_cell.length_b   94.790
_cell.length_c   118.170
_cell.angle_alpha   90.00
_cell.angle_beta   90.00
_cell.angle_gamma   90.00
#
_symmetry.space_group_name_H-M   'P 21 21 21'
#
loop_
_entity.id
_entity.type
_entity.pdbx_description
1 polymer 'Putative betaine aldehyde dehyrogenase'
2 non-polymer NICOTINAMIDE-ADENINE-DINUCLEOTIDE
3 non-polymer 'SODIUM ION'
4 non-polymer DI(HYDROXYETHYL)ETHER
5 non-polymer 1,2-ETHANEDIOL
6 non-polymer (2-hydroxyethoxy)acetaldehyde
7 water water
#
_entity_poly.entity_id   1
_entity_poly.type   'polypeptide(L)'
_entity_poly.pdbx_seq_one_letter_code
;MGSSHHHHHHSQDPANRNVPIPRRQLYIGGEWREPVKKNRIPIINPATEEIIGDIPAATAEDVDIAVEAARKAIARDDWG
STTGAQRAKYLRAIAAKVLEKKSVLATLESLDSGKTLYESAADMDDVAGCFEYYAGLAEALDSRRMTPVNLNSDSYKSYV
LREPLGVVGLITPWNYPLLMAIWKVAPALAAGCAAILKPSELASITCLELGEICREIGLPSGALNILTGLGPEAGGPLAS
HPHVDKISFTGSGPTGSKIMTAAAQLVKPVSLELGGKSPIVVFDDIDNLDIAAEWTLFGIFANTGQVCSATSRLIVQENI
ASAFMDRLLKWTKNIKISDPLEEDCKLGPVVSAGQYEKVLKFISNAKSEGATILCGGERPQHLKKGYYVQPTIITDVNTS
MEIWKEEVFGPVLCVKTFKTEEQAIELANDTKYGLGAAVMSKDVKRCERFTKAFQTGIIWINCSQPTFNELPWGGKKRSG
FGRDLGKWGLENFLNIKQVTEYTSAEPLAFYKSPSKN
;
_entity_poly.pdbx_strand_id   A,B
#
loop_
_chem_comp.id
_chem_comp.type
_chem_comp.name
_chem_comp.formula
1KA non-polymer (2-hydroxyethoxy)acetaldehyde 'C4 H8 O3'
EDO non-polymer 1,2-ETHANEDIOL 'C2 H6 O2'
NA non-polymer 'SODIUM ION' 'Na 1'
NAD non-polymer NICOTINAMIDE-ADENINE-DINUCLEOTIDE 'C21 H27 N7 O14 P2'
PEG non-polymer DI(HYDROXYETHYL)ETHER 'C4 H10 O3'
#
# COMPACT_ATOMS: atom_id res chain seq x y z
N VAL A 19 11.79 14.54 39.69
CA VAL A 19 12.42 14.42 38.38
C VAL A 19 12.08 15.67 37.54
N PRO A 20 13.04 16.32 36.85
CA PRO A 20 12.65 17.49 36.05
C PRO A 20 11.93 17.07 34.74
N ILE A 21 10.78 17.69 34.46
CA ILE A 21 10.02 17.39 33.24
C ILE A 21 10.24 18.50 32.23
N PRO A 22 10.80 18.18 31.04
CA PRO A 22 11.03 19.26 30.05
C PRO A 22 9.73 19.90 29.57
N ARG A 23 9.83 21.17 29.16
CA ARG A 23 8.72 21.94 28.62
C ARG A 23 9.21 22.41 27.27
N ARG A 24 8.61 21.86 26.23
CA ARG A 24 9.05 22.12 24.87
C ARG A 24 7.96 22.76 24.03
N GLN A 25 8.34 23.29 22.85
CA GLN A 25 7.41 23.82 21.86
C GLN A 25 7.37 22.76 20.73
N LEU A 26 6.74 23.07 19.59
CA LEU A 26 6.71 22.18 18.42
C LEU A 26 8.07 22.24 17.73
N TYR A 27 8.48 21.16 17.08
CA TYR A 27 9.78 21.14 16.39
C TYR A 27 9.50 21.19 14.90
N ILE A 28 9.69 22.38 14.28
CA ILE A 28 9.39 22.61 12.88
C ILE A 28 10.53 23.39 12.20
N GLY A 29 10.96 22.91 11.04
CA GLY A 29 11.98 23.58 10.24
C GLY A 29 13.22 23.99 11.03
N GLY A 30 13.69 23.06 11.86
CA GLY A 30 14.90 23.19 12.66
C GLY A 30 14.77 24.06 13.91
N GLU A 31 13.58 24.63 14.14
CA GLU A 31 13.31 25.54 15.26
C GLU A 31 12.29 25.02 16.22
N TRP A 32 12.33 25.57 17.45
CA TRP A 32 11.31 25.36 18.44
C TRP A 32 10.26 26.40 18.08
N ARG A 33 9.04 25.98 17.84
CA ARG A 33 7.98 26.89 17.40
C ARG A 33 6.75 26.75 18.25
N GLU A 34 6.24 27.87 18.77
CA GLU A 34 5.00 27.84 19.54
C GLU A 34 3.82 27.49 18.61
N PRO A 35 2.79 26.69 19.03
CA PRO A 35 1.63 26.48 18.13
C PRO A 35 0.97 27.84 17.85
N VAL A 36 0.41 27.99 16.65
CA VAL A 36 -0.25 29.23 16.20
C VAL A 36 -1.30 29.70 17.22
N LYS A 37 -2.13 28.77 17.71
CA LYS A 37 -3.20 29.08 18.66
C LYS A 37 -2.73 29.03 20.11
N LYS A 38 -1.44 28.71 20.32
CA LYS A 38 -0.75 28.70 21.61
C LYS A 38 -1.36 27.79 22.69
N ASN A 39 -2.09 26.74 22.29
CA ASN A 39 -2.68 25.79 23.22
C ASN A 39 -1.65 24.76 23.68
N ARG A 40 -1.80 24.32 24.92
CA ARG A 40 -1.00 23.26 25.56
C ARG A 40 -1.95 22.29 26.25
N ILE A 41 -1.53 21.04 26.41
CA ILE A 41 -2.37 19.99 27.04
C ILE A 41 -1.52 19.30 28.12
N PRO A 42 -2.14 18.74 29.20
CA PRO A 42 -1.33 18.16 30.28
C PRO A 42 -0.58 16.86 29.98
N ILE A 43 0.44 16.62 30.80
CA ILE A 43 1.18 15.36 30.84
C ILE A 43 0.72 14.76 32.15
N ILE A 44 0.23 13.53 32.12
CA ILE A 44 -0.22 12.85 33.32
C ILE A 44 0.68 11.65 33.57
N ASN A 45 1.08 11.48 34.83
CA ASN A 45 1.88 10.34 35.23
C ASN A 45 0.83 9.24 35.58
N PRO A 46 0.76 8.12 34.81
CA PRO A 46 -0.24 7.07 35.12
C PRO A 46 -0.07 6.36 36.46
N ALA A 47 1.14 6.38 37.04
CA ALA A 47 1.42 5.76 38.34
C ALA A 47 0.86 6.57 39.49
N THR A 48 0.85 7.93 39.38
CA THR A 48 0.42 8.80 40.47
C THR A 48 -0.90 9.51 40.19
N GLU A 49 -1.33 9.59 38.90
CA GLU A 49 -2.53 10.31 38.41
C GLU A 49 -2.34 11.83 38.50
N GLU A 50 -1.11 12.29 38.65
CA GLU A 50 -0.77 13.71 38.79
C GLU A 50 -0.39 14.36 37.47
N ILE A 51 -0.71 15.64 37.30
CA ILE A 51 -0.29 16.44 36.14
C ILE A 51 1.18 16.79 36.45
N ILE A 52 2.12 16.36 35.59
CA ILE A 52 3.56 16.57 35.83
C ILE A 52 4.21 17.56 34.88
N GLY A 53 3.39 18.17 34.04
CA GLY A 53 3.83 19.15 33.05
C GLY A 53 2.81 19.28 31.95
N ASP A 54 3.22 19.90 30.86
CA ASP A 54 2.37 20.05 29.70
C ASP A 54 3.15 19.97 28.38
N ILE A 55 2.43 19.74 27.27
CA ILE A 55 2.99 19.62 25.93
C ILE A 55 2.27 20.58 24.96
N PRO A 56 2.93 21.03 23.87
CA PRO A 56 2.21 21.92 22.93
C PRO A 56 1.08 21.16 22.21
N ALA A 57 -0.01 21.85 21.87
CA ALA A 57 -1.16 21.23 21.20
C ALA A 57 -1.33 21.79 19.81
N ALA A 58 -0.72 21.13 18.83
CA ALA A 58 -0.76 21.59 17.45
C ALA A 58 -2.16 21.46 16.84
N THR A 59 -2.46 22.39 15.92
CA THR A 59 -3.72 22.41 15.16
C THR A 59 -3.36 22.43 13.67
N ALA A 60 -4.38 22.51 12.79
CA ALA A 60 -4.24 22.54 11.33
C ALA A 60 -3.27 23.63 10.83
N GLU A 61 -3.24 24.81 11.48
CA GLU A 61 -2.30 25.86 11.04
C GLU A 61 -0.84 25.47 11.25
N ASP A 62 -0.56 24.68 12.32
CA ASP A 62 0.79 24.17 12.62
C ASP A 62 1.17 23.08 11.62
N VAL A 63 0.19 22.28 11.20
CA VAL A 63 0.39 21.21 10.23
C VAL A 63 0.82 21.85 8.92
N ASP A 64 0.11 22.89 8.49
CA ASP A 64 0.43 23.64 7.28
C ASP A 64 1.84 24.17 7.27
N ILE A 65 2.31 24.68 8.41
CA ILE A 65 3.66 25.21 8.58
C ILE A 65 4.68 24.08 8.49
N ALA A 66 4.36 22.92 9.11
CA ALA A 66 5.24 21.75 9.11
C ALA A 66 5.37 21.15 7.71
N VAL A 67 4.27 21.08 6.94
CA VAL A 67 4.28 20.58 5.56
C VAL A 67 5.15 21.53 4.70
N GLU A 68 5.00 22.86 4.88
CA GLU A 68 5.81 23.81 4.12
C GLU A 68 7.31 23.65 4.47
N ALA A 69 7.61 23.42 5.75
CA ALA A 69 8.99 23.21 6.22
C ALA A 69 9.53 21.92 5.63
N ALA A 70 8.69 20.87 5.55
CA ALA A 70 9.07 19.57 5.00
C ALA A 70 9.33 19.68 3.47
N ARG A 71 8.51 20.42 2.75
CA ARG A 71 8.69 20.63 1.29
C ARG A 71 9.98 21.40 1.01
N LYS A 72 10.30 22.39 1.86
CA LYS A 72 11.52 23.17 1.76
C LYS A 72 12.74 22.28 1.95
N ALA A 73 12.68 21.30 2.88
CA ALA A 73 13.78 20.35 3.11
C ALA A 73 14.02 19.51 1.84
N ILE A 74 12.93 19.02 1.19
CA ILE A 74 12.99 18.21 -0.03
C ILE A 74 13.63 19.04 -1.16
N ALA A 75 13.27 20.33 -1.26
CA ALA A 75 13.81 21.24 -2.26
C ALA A 75 15.24 21.71 -1.95
N ARG A 76 15.72 21.58 -0.69
CA ARG A 76 17.05 22.06 -0.31
C ARG A 76 18.12 21.04 -0.61
N ASP A 77 19.30 21.50 -1.06
CA ASP A 77 20.42 20.61 -1.39
C ASP A 77 20.91 19.84 -0.17
N ASP A 78 20.88 20.48 1.02
CA ASP A 78 21.35 19.84 2.25
C ASP A 78 20.45 18.72 2.82
N TRP A 79 19.31 18.44 2.15
CA TRP A 79 18.45 17.31 2.52
C TRP A 79 17.98 16.55 1.30
N GLY A 80 17.24 17.23 0.44
CA GLY A 80 16.72 16.69 -0.81
C GLY A 80 17.76 16.27 -1.83
N SER A 81 19.01 16.70 -1.66
CA SER A 81 20.09 16.29 -2.55
C SER A 81 21.17 15.52 -1.84
N THR A 82 20.90 15.05 -0.59
CA THR A 82 21.91 14.28 0.16
C THR A 82 22.06 12.87 -0.39
N THR A 83 23.19 12.23 -0.10
CA THR A 83 23.43 10.83 -0.45
C THR A 83 22.95 10.01 0.80
N GLY A 84 22.79 8.70 0.62
CA GLY A 84 22.43 7.79 1.71
C GLY A 84 23.48 7.79 2.79
N ALA A 85 24.79 7.86 2.41
CA ALA A 85 25.93 7.91 3.35
C ALA A 85 25.87 9.16 4.25
N GLN A 86 25.48 10.33 3.67
CA GLN A 86 25.30 11.60 4.38
C GLN A 86 24.15 11.49 5.39
N ARG A 87 23.01 10.90 4.97
CA ARG A 87 21.87 10.74 5.90
C ARG A 87 22.25 9.76 7.02
N ALA A 88 23.02 8.69 6.69
CA ALA A 88 23.49 7.68 7.66
C ALA A 88 24.29 8.32 8.78
N LYS A 89 25.08 9.37 8.47
CA LYS A 89 25.86 10.10 9.49
C LYS A 89 24.95 10.79 10.48
N TYR A 90 23.84 11.38 10.03
CA TYR A 90 22.90 12.00 10.99
C TYR A 90 22.21 10.94 11.86
N LEU A 91 21.77 9.84 11.23
CA LEU A 91 21.09 8.74 11.93
C LEU A 91 21.97 8.21 13.08
N ARG A 92 23.26 7.95 12.81
CA ARG A 92 24.23 7.46 13.82
C ARG A 92 24.46 8.49 14.92
N ALA A 93 24.46 9.80 14.56
CA ALA A 93 24.64 10.89 15.54
C ALA A 93 23.41 10.95 16.47
N ILE A 94 22.19 10.67 15.93
CA ILE A 94 20.97 10.63 16.76
C ILE A 94 21.07 9.43 17.71
N ALA A 95 21.47 8.26 17.18
CA ALA A 95 21.64 7.02 17.96
C ALA A 95 22.61 7.23 19.16
N ALA A 96 23.76 7.90 18.90
CA ALA A 96 24.79 8.17 19.92
C ALA A 96 24.25 9.03 21.04
N LYS A 97 23.47 10.07 20.68
CA LYS A 97 22.84 11.02 21.59
C LYS A 97 21.79 10.34 22.46
N VAL A 98 21.00 9.41 21.90
CA VAL A 98 19.98 8.63 22.61
C VAL A 98 20.69 7.79 23.67
N LEU A 99 21.77 7.09 23.28
CA LEU A 99 22.55 6.28 24.20
C LEU A 99 23.20 7.11 25.32
N GLU A 100 23.76 8.30 24.98
CA GLU A 100 24.34 9.21 25.98
C GLU A 100 23.30 9.61 27.01
N LYS A 101 22.05 9.88 26.55
CA LYS A 101 20.92 10.31 27.41
C LYS A 101 19.97 9.17 27.86
N LYS A 102 20.39 7.90 27.69
CA LYS A 102 19.56 6.70 27.96
C LYS A 102 18.86 6.71 29.30
N SER A 103 19.60 6.98 30.40
CA SER A 103 19.03 6.96 31.75
C SER A 103 17.92 8.01 31.89
N VAL A 104 18.17 9.24 31.39
CA VAL A 104 17.21 10.35 31.42
C VAL A 104 15.95 10.03 30.60
N LEU A 105 16.15 9.64 29.32
CA LEU A 105 15.06 9.32 28.39
C LEU A 105 14.20 8.15 28.91
N ALA A 106 14.84 7.08 29.43
CA ALA A 106 14.17 5.90 29.99
C ALA A 106 13.29 6.30 31.19
N THR A 107 13.80 7.16 32.12
CA THR A 107 13.01 7.66 33.26
C THR A 107 11.80 8.47 32.78
N LEU A 108 12.01 9.36 31.80
CA LEU A 108 10.94 10.17 31.20
C LEU A 108 9.86 9.30 30.54
N GLU A 109 10.27 8.26 29.81
CA GLU A 109 9.36 7.30 29.13
C GLU A 109 8.45 6.59 30.19
N SER A 110 9.05 6.18 31.34
CA SER A 110 8.31 5.54 32.43
C SER A 110 7.33 6.49 33.08
N LEU A 111 7.79 7.74 33.39
CA LEU A 111 6.95 8.75 34.02
C LEU A 111 5.75 9.09 33.16
N ASP A 112 5.94 9.17 31.85
CA ASP A 112 4.91 9.53 30.89
C ASP A 112 3.90 8.42 30.63
N SER A 113 4.39 7.21 30.41
CA SER A 113 3.60 6.10 29.90
C SER A 113 3.21 5.04 30.90
N GLY A 114 3.92 4.95 32.02
CA GLY A 114 3.67 3.92 33.02
C GLY A 114 4.54 2.70 32.78
N LYS A 115 5.31 2.70 31.69
CA LYS A 115 6.21 1.60 31.32
C LYS A 115 7.24 1.38 32.43
N THR A 116 7.58 0.12 32.78
CA THR A 116 8.58 -0.11 33.82
C THR A 116 9.92 0.49 33.34
N LEU A 117 10.74 0.97 34.28
CA LEU A 117 12.03 1.56 33.93
C LEU A 117 12.91 0.56 33.17
N TYR A 118 12.86 -0.72 33.57
CA TYR A 118 13.63 -1.77 32.88
C TYR A 118 13.17 -1.91 31.42
N GLU A 119 11.86 -1.85 31.18
CA GLU A 119 11.31 -1.95 29.81
C GLU A 119 11.63 -0.66 29.03
N SER A 120 11.56 0.51 29.69
CA SER A 120 11.88 1.81 29.11
C SER A 120 13.34 1.85 28.64
N ALA A 121 14.27 1.31 29.45
CA ALA A 121 15.70 1.19 29.15
C ALA A 121 15.94 0.28 27.94
N ALA A 122 15.17 -0.84 27.85
CA ALA A 122 15.24 -1.78 26.74
C ALA A 122 14.75 -1.10 25.44
N ASP A 123 13.73 -0.24 25.54
CA ASP A 123 13.22 0.52 24.38
C ASP A 123 14.31 1.48 23.86
N MET A 124 15.07 2.12 24.79
CA MET A 124 16.13 3.03 24.36
C MET A 124 17.27 2.30 23.65
N ASP A 125 17.61 1.07 24.08
CA ASP A 125 18.62 0.26 23.39
C ASP A 125 18.12 -0.05 21.98
N ASP A 126 16.81 -0.39 21.86
CA ASP A 126 16.20 -0.74 20.58
C ASP A 126 16.11 0.45 19.64
N VAL A 127 15.89 1.67 20.19
CA VAL A 127 15.85 2.93 19.40
C VAL A 127 17.21 3.09 18.75
N ALA A 128 18.30 3.00 19.56
CA ALA A 128 19.67 3.15 19.05
C ALA A 128 19.95 2.11 18.00
N GLY A 129 19.61 0.84 18.28
CA GLY A 129 19.74 -0.28 17.34
C GLY A 129 18.98 -0.08 16.03
N CYS A 130 17.75 0.48 16.12
CA CYS A 130 16.92 0.74 14.93
C CYS A 130 17.60 1.82 14.05
N PHE A 131 18.08 2.94 14.68
CA PHE A 131 18.77 4.02 13.96
C PHE A 131 20.04 3.48 13.31
N GLU A 132 20.73 2.55 13.98
CA GLU A 132 21.94 1.89 13.49
C GLU A 132 21.68 1.00 12.29
N TYR A 133 20.58 0.21 12.33
CA TYR A 133 20.22 -0.69 11.24
C TYR A 133 19.88 0.13 9.98
N TYR A 134 19.12 1.22 10.18
CA TYR A 134 18.73 2.09 9.06
C TYR A 134 19.85 2.93 8.49
N ALA A 135 20.84 3.29 9.34
CA ALA A 135 22.03 4.02 8.92
C ALA A 135 22.75 3.10 7.95
N GLY A 136 22.85 1.81 8.32
CA GLY A 136 23.46 0.78 7.48
C GLY A 136 22.78 0.68 6.12
N LEU A 137 21.40 0.65 6.13
CA LEU A 137 20.60 0.57 4.91
C LEU A 137 20.77 1.81 4.02
N ALA A 138 20.86 2.98 4.66
CA ALA A 138 21.06 4.28 3.98
C ALA A 138 22.39 4.27 3.21
N GLU A 139 23.42 3.64 3.77
CA GLU A 139 24.75 3.51 3.11
C GLU A 139 24.65 2.65 1.83
N ALA A 140 23.79 1.63 1.82
CA ALA A 140 23.60 0.71 0.69
C ALA A 140 22.66 1.28 -0.37
N LEU A 141 21.78 2.21 0.03
CA LEU A 141 20.78 2.84 -0.82
C LEU A 141 21.34 3.51 -2.07
N ASP A 142 22.48 4.23 -1.95
CA ASP A 142 23.09 4.90 -3.10
C ASP A 142 23.47 3.92 -4.20
N SER A 143 23.98 2.74 -3.81
CA SER A 143 24.38 1.74 -4.79
C SER A 143 23.20 1.10 -5.56
N ARG A 144 21.95 1.23 -5.05
CA ARG A 144 20.75 0.67 -5.68
C ARG A 144 19.80 1.77 -6.23
N ARG A 145 20.25 3.05 -6.24
CA ARG A 145 19.46 4.19 -6.71
C ARG A 145 18.97 4.01 -8.15
N MET A 146 19.88 3.58 -9.05
CA MET A 146 19.61 3.34 -10.46
C MET A 146 19.90 1.88 -10.79
N THR A 147 18.86 1.15 -11.21
CA THR A 147 18.96 -0.25 -11.56
C THR A 147 18.62 -0.41 -13.04
N PRO A 148 19.65 -0.63 -13.89
CA PRO A 148 19.42 -0.92 -15.31
C PRO A 148 18.62 -2.21 -15.45
N VAL A 149 17.63 -2.24 -16.35
CA VAL A 149 16.79 -3.43 -16.51
C VAL A 149 17.04 -3.98 -17.89
N ASN A 150 17.33 -5.29 -17.96
CA ASN A 150 17.55 -5.92 -19.26
C ASN A 150 16.22 -6.15 -19.97
N LEU A 151 16.12 -5.56 -21.14
CA LEU A 151 14.99 -5.70 -22.03
C LEU A 151 15.51 -6.51 -23.21
N ASN A 152 14.68 -7.30 -23.84
CA ASN A 152 15.23 -8.02 -24.99
C ASN A 152 14.94 -7.17 -26.25
N SER A 153 15.42 -5.89 -26.19
CA SER A 153 15.22 -4.83 -27.18
C SER A 153 16.51 -4.14 -27.62
N ASP A 154 16.52 -3.68 -28.87
CA ASP A 154 17.64 -2.96 -29.49
C ASP A 154 17.32 -1.48 -29.67
N SER A 155 16.07 -1.08 -29.45
CA SER A 155 15.63 0.30 -29.63
C SER A 155 15.34 1.03 -28.31
N TYR A 156 15.32 0.30 -27.18
CA TYR A 156 15.00 0.87 -25.86
C TYR A 156 15.98 0.44 -24.79
N LYS A 157 16.21 1.36 -23.86
CA LYS A 157 17.06 1.20 -22.68
C LYS A 157 16.22 1.73 -21.51
N SER A 158 16.05 0.89 -20.49
CA SER A 158 15.29 1.24 -19.30
C SER A 158 16.01 0.93 -18.00
N TYR A 159 15.66 1.71 -16.97
CA TYR A 159 16.15 1.53 -15.60
C TYR A 159 15.11 1.93 -14.56
N VAL A 160 15.30 1.42 -13.34
CA VAL A 160 14.46 1.77 -12.19
C VAL A 160 15.20 2.77 -11.30
N LEU A 161 14.56 3.93 -11.04
CA LEU A 161 15.12 5.00 -10.22
C LEU A 161 14.36 5.02 -8.88
N ARG A 162 15.06 4.90 -7.76
CA ARG A 162 14.42 4.98 -6.45
C ARG A 162 14.77 6.32 -5.85
N GLU A 163 13.77 7.06 -5.42
CA GLU A 163 14.01 8.39 -4.86
C GLU A 163 13.15 8.56 -3.62
N PRO A 164 13.35 9.58 -2.78
CA PRO A 164 12.47 9.73 -1.61
C PRO A 164 11.02 9.93 -2.04
N LEU A 165 10.05 9.37 -1.30
CA LEU A 165 8.63 9.53 -1.64
C LEU A 165 8.19 11.01 -1.50
N GLY A 166 8.77 11.73 -0.54
CA GLY A 166 8.46 13.14 -0.36
C GLY A 166 8.15 13.48 1.08
N VAL A 167 7.00 14.09 1.29
CA VAL A 167 6.56 14.51 2.62
C VAL A 167 5.70 13.37 3.19
N VAL A 168 6.09 12.86 4.35
CA VAL A 168 5.41 11.72 4.99
C VAL A 168 4.90 12.07 6.38
N GLY A 169 3.65 11.75 6.65
CA GLY A 169 3.06 11.96 7.96
C GLY A 169 3.12 10.66 8.73
N LEU A 170 3.65 10.69 9.96
CA LEU A 170 3.82 9.46 10.77
C LEU A 170 3.04 9.61 12.07
N ILE A 171 2.01 8.80 12.25
CA ILE A 171 1.12 8.91 13.41
C ILE A 171 1.29 7.66 14.23
N THR A 172 1.81 7.86 15.43
CA THR A 172 2.27 6.80 16.31
C THR A 172 1.54 6.69 17.65
N PRO A 173 1.62 5.49 18.27
CA PRO A 173 0.92 5.28 19.54
C PRO A 173 1.80 5.43 20.80
N TRP A 174 1.13 5.46 21.96
CA TRP A 174 1.72 5.67 23.28
C TRP A 174 2.37 4.46 23.95
N ASN A 175 2.12 3.23 23.42
CA ASN A 175 2.60 2.00 24.05
C ASN A 175 4.11 1.78 24.04
N TYR A 176 4.80 2.32 23.04
CA TYR A 176 6.28 2.34 22.92
C TYR A 176 6.48 3.76 22.36
N PRO A 177 6.41 4.79 23.24
CA PRO A 177 6.40 6.18 22.76
C PRO A 177 7.51 6.54 21.78
N LEU A 178 8.76 6.42 22.23
CA LEU A 178 9.87 6.70 21.34
C LEU A 178 10.11 5.57 20.35
N LEU A 179 10.10 4.27 20.79
CA LEU A 179 10.38 3.17 19.87
C LEU A 179 9.49 3.11 18.63
N MET A 180 8.16 3.22 18.81
CA MET A 180 7.22 3.17 17.69
C MET A 180 7.42 4.38 16.76
N ALA A 181 7.81 5.55 17.33
CA ALA A 181 8.11 6.76 16.53
C ALA A 181 9.30 6.41 15.65
N ILE A 182 10.38 5.86 16.26
CA ILE A 182 11.64 5.51 15.54
C ILE A 182 11.48 4.46 14.44
N TRP A 183 10.58 3.46 14.67
CA TRP A 183 10.28 2.45 13.64
C TRP A 183 9.84 3.13 12.36
N LYS A 184 9.21 4.29 12.48
CA LYS A 184 8.79 5.04 11.29
C LYS A 184 9.82 6.11 10.89
N VAL A 185 10.34 6.87 11.89
CA VAL A 185 11.30 7.98 11.60
C VAL A 185 12.64 7.51 10.97
N ALA A 186 13.28 6.49 11.57
CA ALA A 186 14.58 5.98 11.08
C ALA A 186 14.50 5.58 9.59
N PRO A 187 13.54 4.72 9.12
CA PRO A 187 13.47 4.45 7.67
C PRO A 187 13.06 5.65 6.84
N ALA A 188 12.25 6.57 7.39
CA ALA A 188 11.84 7.74 6.61
C ALA A 188 13.04 8.64 6.31
N LEU A 189 13.92 8.85 7.29
CA LEU A 189 15.11 9.68 7.12
C LEU A 189 16.13 8.94 6.27
N ALA A 190 16.25 7.61 6.46
CA ALA A 190 17.19 6.81 5.64
C ALA A 190 16.83 6.92 4.14
N ALA A 191 15.51 6.85 3.81
CA ALA A 191 15.01 6.99 2.44
C ALA A 191 15.14 8.42 1.86
N GLY A 192 15.41 9.41 2.71
CA GLY A 192 15.54 10.81 2.25
C GLY A 192 14.24 11.60 2.26
N CYS A 193 13.20 11.08 2.93
CA CYS A 193 11.92 11.81 3.03
C CYS A 193 12.05 12.93 4.03
N ALA A 194 11.06 13.84 4.06
CA ALA A 194 10.99 14.87 5.09
C ALA A 194 9.78 14.43 5.88
N ALA A 195 9.98 14.12 7.16
CA ALA A 195 8.93 13.53 7.98
C ALA A 195 8.23 14.48 8.93
N ILE A 196 6.94 14.24 9.13
CA ILE A 196 6.15 14.97 10.12
C ILE A 196 5.64 13.93 11.09
N LEU A 197 6.21 13.92 12.30
CA LEU A 197 5.88 12.97 13.36
C LEU A 197 4.76 13.52 14.25
N LYS A 198 3.69 12.74 14.42
CA LYS A 198 2.57 13.10 15.29
C LYS A 198 2.47 12.02 16.36
N PRO A 199 3.19 12.17 17.49
CA PRO A 199 3.12 11.16 18.56
C PRO A 199 1.79 11.24 19.31
N SER A 200 1.49 10.23 20.12
CA SER A 200 0.23 10.18 20.87
C SER A 200 0.25 11.23 21.98
N GLU A 201 -0.88 11.94 22.18
CA GLU A 201 -1.04 12.94 23.24
C GLU A 201 -0.90 12.32 24.67
N LEU A 202 -0.85 10.98 24.76
CA LEU A 202 -0.76 10.26 26.03
C LEU A 202 0.66 10.05 26.47
N ALA A 203 1.60 10.08 25.52
CA ALA A 203 3.02 9.87 25.77
C ALA A 203 3.88 10.57 24.70
N SER A 204 4.09 11.88 24.87
CA SER A 204 4.87 12.69 23.93
C SER A 204 6.26 13.19 24.45
N ILE A 205 6.60 13.00 25.75
CA ILE A 205 7.86 13.54 26.29
C ILE A 205 9.10 13.18 25.46
N THR A 206 9.33 11.89 25.24
CA THR A 206 10.52 11.41 24.54
C THR A 206 10.58 11.81 23.10
N CYS A 207 9.42 11.92 22.45
CA CYS A 207 9.37 12.33 21.05
C CYS A 207 9.74 13.79 20.95
N LEU A 208 9.37 14.61 21.94
CA LEU A 208 9.78 16.03 21.96
C LEU A 208 11.28 16.10 22.25
N GLU A 209 11.81 15.17 23.05
CA GLU A 209 13.24 15.13 23.35
C GLU A 209 14.05 14.74 22.13
N LEU A 210 13.46 13.92 21.25
CA LEU A 210 14.01 13.56 19.95
C LEU A 210 14.22 14.84 19.14
N GLY A 211 13.29 15.79 19.23
CA GLY A 211 13.44 17.06 18.53
C GLY A 211 14.68 17.82 19.00
N GLU A 212 14.90 17.84 20.33
CA GLU A 212 16.07 18.48 20.94
C GLU A 212 17.34 17.79 20.44
N ILE A 213 17.33 16.46 20.38
CA ILE A 213 18.49 15.69 19.89
C ILE A 213 18.80 16.05 18.43
N CYS A 214 17.76 16.16 17.56
CA CYS A 214 17.94 16.52 16.14
C CYS A 214 18.58 17.90 16.02
N ARG A 215 18.14 18.86 16.86
CA ARG A 215 18.72 20.21 16.91
C ARG A 215 20.19 20.15 17.33
N GLU A 216 20.49 19.33 18.34
CA GLU A 216 21.86 19.16 18.84
C GLU A 216 22.77 18.56 17.78
N ILE A 217 22.24 17.67 16.95
CA ILE A 217 23.10 17.01 15.96
C ILE A 217 23.19 17.73 14.62
N GLY A 218 22.45 18.83 14.49
CA GLY A 218 22.42 19.66 13.30
C GLY A 218 21.65 19.03 12.15
N LEU A 219 20.59 18.24 12.47
CA LEU A 219 19.79 17.63 11.41
C LEU A 219 19.22 18.74 10.56
N PRO A 220 19.33 18.67 9.21
CA PRO A 220 18.83 19.77 8.37
C PRO A 220 17.36 20.12 8.61
N SER A 221 17.08 21.43 8.64
CA SER A 221 15.75 22.01 8.88
C SER A 221 14.70 21.37 7.97
N GLY A 222 13.60 20.97 8.58
CA GLY A 222 12.46 20.38 7.87
C GLY A 222 12.55 18.89 7.63
N ALA A 223 13.73 18.27 7.89
CA ALA A 223 13.92 16.85 7.66
C ALA A 223 13.01 16.05 8.59
N LEU A 224 12.87 16.51 9.83
CA LEU A 224 11.96 15.90 10.79
C LEU A 224 11.24 17.03 11.50
N ASN A 225 9.92 16.94 11.53
CA ASN A 225 9.07 17.94 12.20
C ASN A 225 8.20 17.18 13.18
N ILE A 226 8.16 17.64 14.44
CA ILE A 226 7.42 16.93 15.50
C ILE A 226 6.26 17.82 15.99
N LEU A 227 5.03 17.37 15.71
CA LEU A 227 3.79 18.07 16.07
C LEU A 227 3.06 17.24 17.13
N THR A 228 3.13 17.69 18.38
CA THR A 228 2.45 17.08 19.49
C THR A 228 1.01 17.66 19.48
N GLY A 229 0.05 16.92 20.00
CA GLY A 229 -1.33 17.38 20.02
C GLY A 229 -2.35 16.26 19.96
N LEU A 230 -3.63 16.65 19.97
CA LEU A 230 -4.76 15.74 19.96
C LEU A 230 -4.91 15.10 18.56
N GLY A 231 -5.33 13.84 18.55
CA GLY A 231 -5.52 13.10 17.30
C GLY A 231 -6.29 13.82 16.21
N PRO A 232 -7.58 14.17 16.45
CA PRO A 232 -8.34 14.87 15.40
C PRO A 232 -7.80 16.26 15.02
N GLU A 233 -7.18 16.99 15.95
CA GLU A 233 -6.65 18.34 15.73
C GLU A 233 -5.32 18.41 14.99
N ALA A 234 -4.36 17.54 15.36
CA ALA A 234 -3.02 17.55 14.77
C ALA A 234 -2.80 16.40 13.78
N GLY A 235 -3.31 15.21 14.10
CA GLY A 235 -3.22 14.05 13.20
C GLY A 235 -4.13 14.14 11.99
N GLY A 236 -5.38 14.52 12.23
CA GLY A 236 -6.40 14.69 11.19
C GLY A 236 -5.99 15.52 9.99
N PRO A 237 -5.51 16.77 10.19
CA PRO A 237 -5.13 17.62 9.05
C PRO A 237 -3.95 17.06 8.26
N LEU A 238 -3.15 16.22 8.89
CA LEU A 238 -2.00 15.58 8.25
C LEU A 238 -2.49 14.57 7.21
N ALA A 239 -3.50 13.76 7.56
CA ALA A 239 -4.11 12.76 6.66
C ALA A 239 -4.89 13.40 5.50
N SER A 240 -5.44 14.60 5.70
CA SER A 240 -6.18 15.28 4.65
C SER A 240 -5.37 16.36 3.94
N HIS A 241 -4.07 16.45 4.21
CA HIS A 241 -3.26 17.51 3.60
C HIS A 241 -2.97 17.29 2.13
N PRO A 242 -3.17 18.31 1.27
CA PRO A 242 -2.85 18.15 -0.16
C PRO A 242 -1.38 17.84 -0.48
N HIS A 243 -0.46 18.27 0.38
CA HIS A 243 0.98 18.10 0.13
C HIS A 243 1.72 17.06 0.96
N VAL A 244 0.95 16.15 1.58
CA VAL A 244 1.48 15.01 2.32
C VAL A 244 1.38 13.82 1.38
N ASP A 245 2.53 13.24 1.00
CA ASP A 245 2.55 12.14 0.01
C ASP A 245 2.05 10.80 0.55
N LYS A 246 2.22 10.53 1.85
CA LYS A 246 1.87 9.24 2.43
C LYS A 246 1.66 9.35 3.93
N ILE A 247 0.78 8.51 4.47
CA ILE A 247 0.57 8.40 5.90
C ILE A 247 1.02 7.02 6.37
N SER A 248 1.80 6.99 7.47
CA SER A 248 2.19 5.72 8.07
C SER A 248 1.56 5.73 9.46
N PHE A 249 0.58 4.81 9.70
CA PHE A 249 -0.13 4.81 10.96
C PHE A 249 0.05 3.53 11.79
N THR A 250 0.24 3.67 13.11
CA THR A 250 0.21 2.56 14.08
C THR A 250 -0.69 2.98 15.23
N GLY A 251 -1.70 2.15 15.52
CA GLY A 251 -2.67 2.46 16.57
C GLY A 251 -3.94 1.63 16.45
N SER A 252 -5.08 2.19 16.85
CA SER A 252 -6.32 1.41 16.85
C SER A 252 -6.99 1.31 15.49
N GLY A 253 -7.72 0.22 15.28
CA GLY A 253 -8.50 -0.01 14.06
C GLY A 253 -9.48 1.10 13.73
N PRO A 254 -10.30 1.61 14.71
CA PRO A 254 -11.22 2.71 14.40
C PRO A 254 -10.53 4.01 13.94
N THR A 255 -9.38 4.37 14.55
CA THR A 255 -8.62 5.55 14.14
C THR A 255 -7.97 5.31 12.78
N GLY A 256 -7.48 4.09 12.57
CA GLY A 256 -6.91 3.66 11.29
C GLY A 256 -7.90 3.84 10.16
N SER A 257 -9.17 3.44 10.39
CA SER A 257 -10.29 3.58 9.44
C SER A 257 -10.57 5.03 9.13
N LYS A 258 -10.60 5.89 10.16
CA LYS A 258 -10.85 7.33 10.00
C LYS A 258 -9.71 7.96 9.16
N ILE A 259 -8.47 7.61 9.46
CA ILE A 259 -7.31 8.15 8.72
C ILE A 259 -7.38 7.72 7.25
N MET A 260 -7.66 6.45 6.98
CA MET A 260 -7.71 5.96 5.59
C MET A 260 -8.91 6.60 4.83
N THR A 261 -10.02 6.88 5.52
CA THR A 261 -11.19 7.54 4.95
C THR A 261 -10.82 8.95 4.48
N ALA A 262 -10.14 9.70 5.35
CA ALA A 262 -9.70 11.07 5.06
C ALA A 262 -8.68 11.06 3.93
N ALA A 263 -7.72 10.09 3.95
CA ALA A 263 -6.68 9.97 2.94
C ALA A 263 -7.29 9.65 1.54
N ALA A 264 -8.38 8.83 1.51
CA ALA A 264 -9.09 8.44 0.28
C ALA A 264 -9.60 9.60 -0.56
N GLN A 265 -9.95 10.74 0.07
CA GLN A 265 -10.46 11.92 -0.67
C GLN A 265 -9.39 12.60 -1.49
N LEU A 266 -8.13 12.32 -1.14
CA LEU A 266 -6.96 12.86 -1.82
C LEU A 266 -6.15 11.72 -2.37
N VAL A 267 -6.78 10.53 -2.57
CA VAL A 267 -6.20 9.28 -3.08
C VAL A 267 -4.73 9.06 -2.63
N LYS A 268 -4.47 9.41 -1.34
CA LYS A 268 -3.21 9.39 -0.62
C LYS A 268 -2.93 7.98 -0.04
N PRO A 269 -1.73 7.37 -0.23
CA PRO A 269 -1.50 6.03 0.31
C PRO A 269 -1.31 6.06 1.82
N VAL A 270 -1.66 4.94 2.43
CA VAL A 270 -1.53 4.82 3.88
C VAL A 270 -1.10 3.39 4.21
N SER A 271 -0.47 3.22 5.35
CA SER A 271 -0.19 1.90 5.87
C SER A 271 -0.85 1.90 7.28
N LEU A 272 -1.48 0.78 7.65
CA LEU A 272 -2.12 0.67 8.95
C LEU A 272 -1.61 -0.55 9.72
N GLU A 273 -0.96 -0.32 10.88
CA GLU A 273 -0.50 -1.38 11.79
C GLU A 273 -1.49 -1.25 12.92
N LEU A 274 -2.39 -2.22 13.03
CA LEU A 274 -3.47 -2.13 14.00
C LEU A 274 -3.33 -3.19 15.13
N GLY A 275 -4.38 -3.44 15.88
CA GLY A 275 -4.25 -4.40 16.96
C GLY A 275 -4.32 -5.86 16.53
N GLY A 276 -4.48 -6.72 17.52
CA GLY A 276 -4.63 -8.14 17.25
C GLY A 276 -5.26 -8.86 18.42
N LYS A 277 -5.48 -10.13 18.22
CA LYS A 277 -5.95 -11.04 19.25
C LYS A 277 -5.16 -12.32 19.01
N SER A 278 -3.85 -12.19 19.16
CA SER A 278 -2.91 -13.23 18.76
C SER A 278 -2.95 -14.46 19.67
N PRO A 279 -2.91 -15.67 19.09
CA PRO A 279 -2.96 -16.87 19.93
C PRO A 279 -1.59 -17.42 20.27
N ILE A 280 -1.50 -18.10 21.42
CA ILE A 280 -0.31 -18.86 21.81
C ILE A 280 -0.81 -20.28 21.98
N VAL A 281 -0.31 -21.20 21.13
CA VAL A 281 -0.74 -22.61 21.12
C VAL A 281 0.30 -23.47 21.84
N VAL A 282 -0.10 -24.09 22.96
CA VAL A 282 0.82 -24.90 23.77
C VAL A 282 0.49 -26.38 23.64
N PHE A 283 1.48 -27.18 23.19
CA PHE A 283 1.32 -28.62 23.03
C PHE A 283 1.86 -29.40 24.23
N ASP A 284 1.39 -30.64 24.41
CA ASP A 284 1.82 -31.47 25.53
C ASP A 284 3.25 -32.02 25.43
N ASP A 285 3.95 -31.79 24.30
CA ASP A 285 5.33 -32.22 24.16
C ASP A 285 6.34 -31.11 24.53
N ILE A 286 5.87 -30.02 25.18
CA ILE A 286 6.82 -28.97 25.58
C ILE A 286 7.83 -29.57 26.58
N ASP A 287 9.14 -29.25 26.39
CA ASP A 287 10.23 -29.80 27.20
C ASP A 287 10.25 -29.33 28.64
N ASN A 288 9.85 -28.07 28.86
CA ASN A 288 9.89 -27.45 30.17
C ASN A 288 8.67 -26.54 30.36
N LEU A 289 7.84 -26.87 31.37
CA LEU A 289 6.62 -26.15 31.72
C LEU A 289 6.89 -24.72 32.14
N ASP A 290 7.97 -24.50 32.93
CA ASP A 290 8.35 -23.19 33.44
C ASP A 290 8.88 -22.24 32.36
N ILE A 291 9.58 -22.78 31.37
CA ILE A 291 10.12 -21.98 30.27
C ILE A 291 8.96 -21.46 29.39
N ALA A 292 8.01 -22.36 29.06
CA ALA A 292 6.82 -22.05 28.26
C ALA A 292 5.87 -21.12 29.03
N ALA A 293 5.72 -21.32 30.36
CA ALA A 293 4.86 -20.47 31.22
C ALA A 293 5.42 -19.05 31.26
N GLU A 294 6.75 -18.90 31.40
CA GLU A 294 7.36 -17.55 31.41
C GLU A 294 7.16 -16.84 30.05
N TRP A 295 7.29 -17.58 28.93
CA TRP A 295 7.06 -17.02 27.59
C TRP A 295 5.60 -16.57 27.47
N THR A 296 4.65 -17.32 28.09
CA THR A 296 3.23 -16.97 28.09
C THR A 296 2.99 -15.68 28.89
N LEU A 297 3.60 -15.55 30.09
CA LEU A 297 3.49 -14.31 30.90
C LEU A 297 3.97 -13.14 30.05
N PHE A 298 5.16 -13.32 29.45
CA PHE A 298 5.82 -12.31 28.64
C PHE A 298 4.97 -11.85 27.45
N GLY A 299 4.31 -12.80 26.82
CA GLY A 299 3.48 -12.52 25.66
C GLY A 299 2.19 -11.80 25.99
N ILE A 300 1.83 -11.69 27.29
CA ILE A 300 0.57 -11.04 27.70
C ILE A 300 0.66 -10.00 28.78
N PHE A 301 1.57 -10.16 29.73
CA PHE A 301 1.69 -9.23 30.83
C PHE A 301 2.74 -8.13 30.66
N ALA A 302 3.80 -8.39 29.88
CA ALA A 302 4.85 -7.38 29.63
C ALA A 302 4.22 -6.16 28.98
N ASN A 303 4.65 -4.97 29.37
CA ASN A 303 4.07 -3.68 28.92
C ASN A 303 2.61 -3.55 29.34
N THR A 304 2.20 -4.26 30.42
CA THR A 304 0.83 -4.26 30.99
C THR A 304 -0.19 -4.73 29.91
N GLY A 305 0.27 -5.59 29.01
CA GLY A 305 -0.55 -6.15 27.94
C GLY A 305 -0.90 -5.19 26.82
N GLN A 306 -0.32 -3.98 26.87
CA GLN A 306 -0.52 -2.90 25.90
C GLN A 306 0.45 -3.13 24.73
N VAL A 307 0.24 -4.25 24.04
CA VAL A 307 1.12 -4.74 22.95
C VAL A 307 0.19 -5.24 21.87
N CYS A 308 0.32 -4.68 20.64
CA CYS A 308 -0.55 -5.04 19.51
CA CYS A 308 -0.54 -5.04 19.52
C CYS A 308 -0.53 -6.54 19.24
N SER A 309 0.67 -7.14 19.28
CA SER A 309 0.97 -8.54 19.00
C SER A 309 0.88 -9.45 20.24
N ALA A 310 0.32 -8.95 21.38
CA ALA A 310 0.22 -9.77 22.60
C ALA A 310 -0.46 -11.10 22.32
N THR A 311 0.06 -12.16 22.90
CA THR A 311 -0.59 -13.47 22.77
C THR A 311 -1.63 -13.55 23.85
N SER A 312 -2.76 -12.94 23.56
CA SER A 312 -3.90 -12.78 24.49
C SER A 312 -4.85 -13.97 24.61
N ARG A 313 -4.68 -14.98 23.74
CA ARG A 313 -5.48 -16.21 23.79
C ARG A 313 -4.52 -17.38 23.95
N LEU A 314 -4.65 -18.11 25.08
CA LEU A 314 -3.83 -19.30 25.36
C LEU A 314 -4.70 -20.48 24.90
N ILE A 315 -4.17 -21.31 24.01
CA ILE A 315 -4.87 -22.50 23.44
C ILE A 315 -3.95 -23.65 23.85
N VAL A 316 -4.34 -24.34 24.95
CA VAL A 316 -3.50 -25.32 25.61
C VAL A 316 -4.00 -26.76 25.48
N GLN A 317 -3.09 -27.70 25.16
CA GLN A 317 -3.45 -29.10 25.00
C GLN A 317 -3.97 -29.67 26.32
N GLU A 318 -5.12 -30.34 26.25
CA GLU A 318 -5.83 -30.86 27.42
C GLU A 318 -5.06 -31.80 28.38
N ASN A 319 -4.07 -32.56 27.88
CA ASN A 319 -3.24 -33.45 28.72
C ASN A 319 -2.36 -32.66 29.69
N ILE A 320 -1.81 -31.50 29.24
CA ILE A 320 -0.98 -30.65 30.08
C ILE A 320 -1.68 -29.43 30.69
N ALA A 321 -2.93 -29.12 30.28
CA ALA A 321 -3.67 -27.92 30.73
C ALA A 321 -3.58 -27.63 32.26
N SER A 322 -4.00 -28.59 33.10
CA SER A 322 -3.97 -28.39 34.56
C SER A 322 -2.57 -28.11 35.11
N ALA A 323 -1.56 -28.90 34.69
CA ALA A 323 -0.18 -28.75 35.16
C ALA A 323 0.39 -27.39 34.73
N PHE A 324 0.15 -27.04 33.44
CA PHE A 324 0.62 -25.80 32.85
C PHE A 324 -0.04 -24.60 33.53
N MET A 325 -1.39 -24.62 33.70
CA MET A 325 -2.14 -23.52 34.36
C MET A 325 -1.68 -23.27 35.78
N ASP A 326 -1.29 -24.34 36.50
CA ASP A 326 -0.79 -24.24 37.87
C ASP A 326 0.55 -23.51 37.88
N ARG A 327 1.46 -23.85 36.94
CA ARG A 327 2.74 -23.14 36.81
C ARG A 327 2.46 -21.67 36.41
N LEU A 328 1.52 -21.46 35.46
CA LEU A 328 1.12 -20.14 34.98
C LEU A 328 0.61 -19.26 36.13
N LEU A 329 -0.24 -19.82 37.03
CA LEU A 329 -0.75 -19.08 38.21
C LEU A 329 0.33 -18.69 39.18
N LYS A 330 1.29 -19.61 39.43
CA LYS A 330 2.41 -19.39 40.35
C LYS A 330 3.36 -18.28 39.88
N TRP A 331 3.71 -18.29 38.60
CA TRP A 331 4.54 -17.25 38.00
C TRP A 331 3.81 -15.90 38.00
N THR A 332 2.52 -15.91 37.63
CA THR A 332 1.66 -14.73 37.56
C THR A 332 1.56 -14.04 38.91
N LYS A 333 1.28 -14.80 39.99
CA LYS A 333 1.15 -14.27 41.35
C LYS A 333 2.49 -13.74 41.91
N ASN A 334 3.61 -14.12 41.27
CA ASN A 334 4.95 -13.69 41.63
C ASN A 334 5.39 -12.37 40.95
N ILE A 335 4.54 -11.79 40.06
CA ILE A 335 4.84 -10.54 39.36
C ILE A 335 4.72 -9.36 40.32
N LYS A 336 5.84 -8.62 40.50
CA LYS A 336 5.85 -7.44 41.36
C LYS A 336 5.13 -6.27 40.69
N ILE A 337 4.06 -5.83 41.31
CA ILE A 337 3.40 -4.68 40.77
C ILE A 337 3.68 -3.46 41.68
N SER A 338 4.26 -2.38 41.10
CA SER A 338 4.65 -1.18 41.86
C SER A 338 4.83 0.00 40.95
N ASP A 339 5.27 1.12 41.52
CA ASP A 339 5.65 2.31 40.76
C ASP A 339 6.72 1.83 39.75
N PRO A 340 6.60 2.22 38.47
CA PRO A 340 7.52 1.69 37.46
C PRO A 340 8.97 2.10 37.57
N LEU A 341 9.29 3.12 38.38
CA LEU A 341 10.68 3.55 38.55
C LEU A 341 11.45 2.69 39.54
N GLU A 342 10.74 1.89 40.33
CA GLU A 342 11.32 0.98 41.29
C GLU A 342 12.05 -0.16 40.65
N GLU A 343 13.08 -0.62 41.36
CA GLU A 343 13.91 -1.77 41.02
C GLU A 343 13.02 -3.00 41.18
N ASP A 344 13.13 -3.93 40.23
CA ASP A 344 12.37 -5.18 40.22
C ASP A 344 10.85 -5.03 39.95
N CYS A 345 10.39 -3.84 39.52
CA CYS A 345 8.99 -3.65 39.11
C CYS A 345 8.83 -4.51 37.88
N LYS A 346 7.84 -5.40 37.88
CA LYS A 346 7.60 -6.27 36.75
C LYS A 346 6.30 -5.89 36.06
N LEU A 347 5.54 -4.96 36.67
CA LEU A 347 4.29 -4.48 36.12
C LEU A 347 3.98 -3.07 36.57
N GLY A 348 3.87 -2.20 35.59
CA GLY A 348 3.48 -0.81 35.80
C GLY A 348 1.98 -0.68 35.63
N PRO A 349 1.45 0.54 35.80
CA PRO A 349 0.02 0.75 35.54
C PRO A 349 -0.30 0.85 34.04
N VAL A 350 -1.61 0.90 33.70
CA VAL A 350 -2.02 1.17 32.31
C VAL A 350 -1.84 2.69 32.10
N VAL A 351 -1.79 3.11 30.85
CA VAL A 351 -1.45 4.48 30.47
C VAL A 351 -2.38 5.60 30.93
N SER A 352 -3.68 5.31 31.09
CA SER A 352 -4.64 6.38 31.38
C SER A 352 -5.88 5.89 32.11
N ALA A 353 -6.68 6.85 32.61
CA ALA A 353 -7.96 6.58 33.29
C ALA A 353 -8.92 5.86 32.30
N GLY A 354 -8.96 6.33 31.06
CA GLY A 354 -9.79 5.77 29.99
C GLY A 354 -9.47 4.31 29.76
N GLN A 355 -8.17 4.00 29.58
CA GLN A 355 -7.71 2.62 29.40
C GLN A 355 -8.02 1.73 30.59
N TYR A 356 -7.81 2.24 31.82
CA TYR A 356 -8.07 1.53 33.08
C TYR A 356 -9.53 1.08 33.12
N GLU A 357 -10.45 2.02 32.89
CA GLU A 357 -11.87 1.73 32.90
C GLU A 357 -12.25 0.74 31.81
N LYS A 358 -11.67 0.89 30.61
CA LYS A 358 -11.92 -0.01 29.46
C LYS A 358 -11.51 -1.43 29.77
N VAL A 359 -10.29 -1.60 30.29
CA VAL A 359 -9.76 -2.90 30.68
C VAL A 359 -10.62 -3.55 31.77
N LEU A 360 -10.98 -2.79 32.82
CA LEU A 360 -11.82 -3.35 33.89
C LEU A 360 -13.22 -3.71 33.39
N LYS A 361 -13.73 -2.95 32.41
CA LYS A 361 -15.04 -3.21 31.80
C LYS A 361 -15.02 -4.54 31.02
N PHE A 362 -13.92 -4.86 30.31
CA PHE A 362 -13.81 -6.13 29.59
C PHE A 362 -13.83 -7.30 30.58
N ILE A 363 -13.12 -7.15 31.72
CA ILE A 363 -13.05 -8.19 32.78
C ILE A 363 -14.45 -8.44 33.38
N SER A 364 -15.19 -7.34 33.68
CA SER A 364 -16.54 -7.46 34.24
C SER A 364 -17.53 -8.07 33.23
N ASN A 365 -17.35 -7.77 31.93
CA ASN A 365 -18.18 -8.34 30.86
C ASN A 365 -17.92 -9.84 30.70
N ALA A 366 -16.66 -10.31 30.88
CA ALA A 366 -16.39 -11.74 30.80
C ALA A 366 -17.10 -12.51 31.94
N LYS A 367 -17.06 -11.95 33.18
CA LYS A 367 -17.75 -12.51 34.34
C LYS A 367 -19.27 -12.60 34.04
N SER A 368 -19.86 -11.52 33.49
CA SER A 368 -21.27 -11.44 33.07
C SER A 368 -21.62 -12.47 32.00
N GLU A 369 -20.61 -12.92 31.21
CA GLU A 369 -20.83 -13.94 30.19
C GLU A 369 -20.68 -15.38 30.68
N GLY A 370 -20.31 -15.54 31.94
CA GLY A 370 -20.18 -16.84 32.59
C GLY A 370 -18.76 -17.35 32.64
N ALA A 371 -17.78 -16.51 32.26
CA ALA A 371 -16.37 -16.94 32.30
C ALA A 371 -15.86 -16.86 33.75
N THR A 372 -14.77 -17.58 34.05
CA THR A 372 -14.18 -17.63 35.38
C THR A 372 -12.95 -16.75 35.45
N ILE A 373 -12.88 -15.91 36.49
CA ILE A 373 -11.69 -15.08 36.72
C ILE A 373 -10.80 -15.91 37.61
N LEU A 374 -9.83 -16.61 36.98
CA LEU A 374 -8.92 -17.50 37.68
C LEU A 374 -7.99 -16.73 38.65
N CYS A 375 -7.51 -15.56 38.23
CA CYS A 375 -6.69 -14.68 39.10
C CYS A 375 -6.82 -13.27 38.61
N GLY A 376 -6.53 -12.32 39.50
CA GLY A 376 -6.58 -10.90 39.20
C GLY A 376 -7.97 -10.39 39.03
N GLY A 377 -8.15 -9.54 38.03
CA GLY A 377 -9.44 -8.96 37.65
C GLY A 377 -9.80 -7.68 38.39
N GLU A 378 -8.89 -7.22 39.26
CA GLU A 378 -9.10 -6.06 40.10
C GLU A 378 -7.87 -5.16 40.11
N ARG A 379 -7.99 -3.97 40.73
CA ARG A 379 -6.84 -3.10 40.96
C ARG A 379 -6.14 -3.70 42.21
N PRO A 380 -4.81 -3.60 42.34
CA PRO A 380 -4.14 -4.19 43.50
C PRO A 380 -4.43 -3.40 44.77
N GLN A 381 -4.61 -4.16 45.85
CA GLN A 381 -4.90 -3.72 47.21
C GLN A 381 -3.86 -2.73 47.79
N HIS A 382 -2.55 -3.00 47.61
CA HIS A 382 -1.46 -2.18 48.14
C HIS A 382 -1.19 -0.83 47.44
N LEU A 383 -1.80 -0.58 46.26
CA LEU A 383 -1.62 0.65 45.50
C LEU A 383 -2.93 1.45 45.42
N LYS A 384 -3.04 2.51 46.24
CA LYS A 384 -4.22 3.37 46.36
C LYS A 384 -4.40 4.32 45.19
N LYS A 385 -3.30 4.67 44.52
CA LYS A 385 -3.32 5.58 43.38
C LYS A 385 -2.65 4.94 42.16
N GLY A 386 -2.97 5.46 40.98
CA GLY A 386 -2.40 4.97 39.73
C GLY A 386 -3.33 3.98 39.06
N TYR A 387 -3.24 3.87 37.73
CA TYR A 387 -4.12 3.01 36.92
C TYR A 387 -3.64 1.56 36.88
N TYR A 388 -3.51 0.97 38.07
CA TYR A 388 -3.02 -0.38 38.20
C TYR A 388 -4.09 -1.44 38.06
N VAL A 389 -3.82 -2.44 37.23
CA VAL A 389 -4.72 -3.58 36.98
C VAL A 389 -3.89 -4.82 37.25
N GLN A 390 -4.42 -5.72 38.06
CA GLN A 390 -3.71 -6.97 38.34
C GLN A 390 -3.63 -7.85 37.09
N PRO A 391 -2.51 -8.60 36.87
CA PRO A 391 -2.48 -9.54 35.73
C PRO A 391 -3.62 -10.54 35.92
N THR A 392 -4.45 -10.68 34.88
CA THR A 392 -5.68 -11.45 34.91
C THR A 392 -5.67 -12.62 33.95
N ILE A 393 -6.11 -13.79 34.46
CA ILE A 393 -6.26 -15.02 33.69
C ILE A 393 -7.74 -15.41 33.71
N ILE A 394 -8.34 -15.51 32.50
CA ILE A 394 -9.76 -15.80 32.33
C ILE A 394 -9.95 -17.18 31.70
N THR A 395 -10.71 -18.02 32.39
CA THR A 395 -10.95 -19.39 31.96
C THR A 395 -12.43 -19.66 31.78
N ASP A 396 -12.83 -20.88 31.38
CA ASP A 396 -14.25 -21.20 31.09
C ASP A 396 -14.80 -20.21 30.05
N VAL A 397 -13.99 -19.99 29.02
CA VAL A 397 -14.26 -19.09 27.90
C VAL A 397 -14.82 -19.87 26.71
N ASN A 398 -15.82 -19.31 26.04
CA ASN A 398 -16.30 -19.88 24.79
C ASN A 398 -16.02 -18.86 23.67
N THR A 399 -15.95 -19.33 22.43
CA THR A 399 -15.64 -18.48 21.27
C THR A 399 -16.64 -17.34 20.96
N SER A 400 -17.84 -17.36 21.55
CA SER A 400 -18.85 -16.32 21.31
C SER A 400 -18.63 -15.11 22.24
N MET A 401 -17.77 -15.28 23.24
CA MET A 401 -17.54 -14.25 24.24
C MET A 401 -16.74 -13.09 23.70
N GLU A 402 -17.10 -11.88 24.14
CA GLU A 402 -16.41 -10.62 23.81
C GLU A 402 -14.91 -10.74 24.17
N ILE A 403 -14.59 -11.38 25.31
CA ILE A 403 -13.21 -11.54 25.80
C ILE A 403 -12.34 -12.32 24.84
N TRP A 404 -12.93 -13.28 24.11
CA TRP A 404 -12.22 -14.08 23.14
C TRP A 404 -12.06 -13.29 21.83
N LYS A 405 -13.08 -12.53 21.46
CA LYS A 405 -13.12 -11.83 20.18
C LYS A 405 -12.39 -10.49 20.13
N GLU A 406 -12.50 -9.67 21.18
CA GLU A 406 -11.97 -8.30 21.17
C GLU A 406 -10.66 -8.10 21.85
N GLU A 407 -9.84 -7.17 21.29
CA GLU A 407 -8.55 -6.81 21.90
C GLU A 407 -8.84 -5.92 23.12
N VAL A 408 -8.32 -6.34 24.28
CA VAL A 408 -8.49 -5.68 25.58
C VAL A 408 -7.41 -4.61 25.77
N PHE A 409 -6.17 -4.89 25.30
CA PHE A 409 -5.04 -3.96 25.44
C PHE A 409 -4.76 -3.69 26.90
N GLY A 410 -4.85 -4.79 27.67
CA GLY A 410 -4.62 -4.84 29.10
C GLY A 410 -3.96 -6.15 29.48
N PRO A 411 -3.57 -6.33 30.78
CA PRO A 411 -2.87 -7.55 31.18
C PRO A 411 -3.86 -8.67 31.48
N VAL A 412 -4.51 -9.12 30.40
CA VAL A 412 -5.64 -10.05 30.45
C VAL A 412 -5.49 -11.20 29.44
N LEU A 413 -5.30 -12.42 29.95
CA LEU A 413 -5.18 -13.61 29.16
C LEU A 413 -6.45 -14.43 29.24
N CYS A 414 -6.97 -14.88 28.10
CA CYS A 414 -8.09 -15.81 28.17
C CYS A 414 -7.62 -17.15 27.66
N VAL A 415 -8.21 -18.22 28.21
CA VAL A 415 -7.73 -19.59 28.00
C VAL A 415 -8.81 -20.54 27.51
N LYS A 416 -8.42 -21.41 26.55
CA LYS A 416 -9.24 -22.49 26.03
C LYS A 416 -8.36 -23.73 25.87
N THR A 417 -8.95 -24.93 26.03
CA THR A 417 -8.17 -26.18 25.90
C THR A 417 -8.53 -26.79 24.54
N PHE A 418 -7.70 -27.72 24.06
CA PHE A 418 -7.90 -28.46 22.80
C PHE A 418 -7.35 -29.89 22.97
N LYS A 419 -7.82 -30.82 22.13
CA LYS A 419 -7.32 -32.19 22.15
C LYS A 419 -6.40 -32.41 20.96
N THR A 420 -6.87 -32.01 19.78
CA THR A 420 -6.18 -32.29 18.52
C THR A 420 -5.60 -31.05 17.85
N GLU A 421 -4.59 -31.27 16.99
CA GLU A 421 -3.95 -30.23 16.18
C GLU A 421 -5.00 -29.48 15.32
N GLU A 422 -5.98 -30.21 14.73
CA GLU A 422 -7.06 -29.63 13.91
C GLU A 422 -7.87 -28.59 14.73
N GLN A 423 -8.24 -28.92 15.99
CA GLN A 423 -8.96 -28.04 16.91
C GLN A 423 -8.10 -26.81 17.26
N ALA A 424 -6.77 -27.01 17.49
CA ALA A 424 -5.83 -25.93 17.84
C ALA A 424 -5.76 -24.87 16.75
N ILE A 425 -5.64 -25.32 15.47
CA ILE A 425 -5.58 -24.48 14.28
C ILE A 425 -6.88 -23.68 14.12
N GLU A 426 -8.07 -24.36 14.22
CA GLU A 426 -9.38 -23.73 14.12
C GLU A 426 -9.52 -22.66 15.19
N LEU A 427 -9.18 -22.99 16.44
CA LEU A 427 -9.23 -21.99 17.53
C LEU A 427 -8.25 -20.83 17.27
N ALA A 428 -7.01 -21.14 16.84
CA ALA A 428 -5.97 -20.14 16.56
C ALA A 428 -6.43 -19.11 15.52
N ASN A 429 -7.08 -19.60 14.44
CA ASN A 429 -7.56 -18.73 13.35
C ASN A 429 -8.95 -18.18 13.57
N ASP A 430 -9.55 -18.47 14.72
CA ASP A 430 -10.92 -17.98 15.01
C ASP A 430 -10.87 -16.58 15.58
N THR A 431 -10.52 -15.65 14.69
CA THR A 431 -10.36 -14.23 15.01
C THR A 431 -10.53 -13.42 13.75
N LYS A 432 -11.00 -12.19 13.89
CA LYS A 432 -11.10 -11.28 12.75
C LYS A 432 -9.71 -10.66 12.51
N TYR A 433 -8.79 -10.79 13.51
CA TYR A 433 -7.41 -10.26 13.44
C TYR A 433 -6.43 -11.23 12.77
N GLY A 434 -5.20 -10.78 12.59
CA GLY A 434 -4.16 -11.62 12.00
C GLY A 434 -2.78 -11.01 12.09
N LEU A 435 -2.37 -10.65 13.31
CA LEU A 435 -1.07 -10.03 13.52
C LEU A 435 0.01 -11.05 13.81
N GLY A 436 0.03 -11.59 15.02
CA GLY A 436 1.04 -12.58 15.38
C GLY A 436 0.40 -13.86 15.86
N ALA A 437 1.23 -14.87 16.13
CA ALA A 437 0.80 -16.16 16.68
C ALA A 437 2.01 -16.89 17.16
N ALA A 438 1.85 -17.68 18.22
CA ALA A 438 2.97 -18.47 18.69
C ALA A 438 2.62 -19.97 18.81
N VAL A 439 3.59 -20.85 18.50
CA VAL A 439 3.46 -22.29 18.72
C VAL A 439 4.54 -22.76 19.67
N MET A 440 4.12 -23.51 20.69
CA MET A 440 5.03 -24.07 21.70
C MET A 440 4.93 -25.58 21.57
N SER A 441 5.95 -26.21 20.96
CA SER A 441 5.99 -27.65 20.72
C SER A 441 7.42 -28.07 20.36
N LYS A 442 7.80 -29.31 20.72
CA LYS A 442 9.13 -29.85 20.39
C LYS A 442 9.07 -30.53 19.02
N ASP A 443 7.86 -30.77 18.50
CA ASP A 443 7.63 -31.41 17.20
C ASP A 443 7.90 -30.37 16.11
N VAL A 444 9.02 -30.56 15.40
CA VAL A 444 9.54 -29.71 14.32
C VAL A 444 8.58 -29.61 13.14
N LYS A 445 8.06 -30.76 12.65
CA LYS A 445 7.13 -30.79 11.52
C LYS A 445 5.80 -30.10 11.84
N ARG A 446 5.33 -30.22 13.11
CA ARG A 446 4.09 -29.58 13.57
C ARG A 446 4.27 -28.04 13.60
N CYS A 447 5.42 -27.57 14.09
CA CYS A 447 5.76 -26.17 14.17
C CYS A 447 5.82 -25.59 12.76
N GLU A 448 6.31 -26.40 11.79
CA GLU A 448 6.37 -26.05 10.35
C GLU A 448 4.96 -25.94 9.78
N ARG A 449 4.05 -26.86 10.14
CA ARG A 449 2.65 -26.83 9.69
C ARG A 449 1.93 -25.58 10.22
N PHE A 450 2.22 -25.18 11.46
CA PHE A 450 1.60 -23.99 12.06
C PHE A 450 2.09 -22.70 11.43
N THR A 451 3.34 -22.68 10.95
CA THR A 451 3.94 -21.55 10.27
C THR A 451 3.09 -21.20 9.03
N LYS A 452 2.63 -22.25 8.34
CA LYS A 452 1.78 -22.13 7.16
C LYS A 452 0.31 -21.86 7.56
N ALA A 453 -0.23 -22.67 8.50
CA ALA A 453 -1.62 -22.62 8.95
C ALA A 453 -2.07 -21.32 9.64
N PHE A 454 -1.22 -20.72 10.53
CA PHE A 454 -1.57 -19.46 11.23
C PHE A 454 -1.84 -18.36 10.18
N GLN A 455 -3.02 -17.71 10.25
CA GLN A 455 -3.42 -16.66 9.30
C GLN A 455 -2.91 -15.31 9.83
N THR A 456 -1.59 -15.16 9.80
CA THR A 456 -0.94 -13.99 10.39
C THR A 456 0.17 -13.40 9.54
N GLY A 457 0.80 -12.35 10.08
CA GLY A 457 1.98 -11.74 9.46
C GLY A 457 3.23 -12.12 10.23
N ILE A 458 3.06 -12.57 11.52
CA ILE A 458 4.17 -12.96 12.39
C ILE A 458 3.91 -14.34 13.05
N ILE A 459 4.91 -15.21 13.07
CA ILE A 459 4.84 -16.51 13.72
C ILE A 459 6.04 -16.67 14.64
N TRP A 460 5.79 -16.99 15.93
CA TRP A 460 6.87 -17.28 16.86
C TRP A 460 6.87 -18.76 17.15
N ILE A 461 8.08 -19.38 17.22
CA ILE A 461 8.22 -20.79 17.55
C ILE A 461 8.98 -20.90 18.87
N ASN A 462 8.32 -21.48 19.89
CA ASN A 462 8.90 -21.69 21.22
C ASN A 462 9.33 -20.41 21.93
N CYS A 463 8.53 -19.34 21.71
CA CYS A 463 8.67 -18.01 22.29
C CYS A 463 7.46 -17.20 21.90
N SER A 464 7.37 -15.99 22.44
CA SER A 464 6.30 -15.06 22.11
C SER A 464 6.87 -13.69 22.26
N GLN A 465 6.75 -12.84 21.19
CA GLN A 465 7.18 -11.43 21.13
C GLN A 465 8.56 -11.06 20.53
N PRO A 466 9.65 -11.85 20.60
CA PRO A 466 10.93 -11.33 20.09
C PRO A 466 10.94 -10.99 18.62
N THR A 467 11.55 -9.85 18.29
CA THR A 467 11.70 -9.42 16.91
C THR A 467 13.00 -8.71 16.67
N PHE A 468 13.37 -8.61 15.42
CA PHE A 468 14.61 -7.99 15.03
C PHE A 468 14.35 -6.98 13.94
N ASN A 469 15.24 -5.98 13.84
CA ASN A 469 15.13 -4.94 12.81
C ASN A 469 15.21 -5.47 11.41
N GLU A 470 15.85 -6.61 11.19
CA GLU A 470 16.01 -7.18 9.86
C GLU A 470 14.74 -7.86 9.35
N LEU A 471 13.69 -7.93 10.19
CA LEU A 471 12.48 -8.67 9.84
C LEU A 471 11.24 -7.82 9.55
N PRO A 472 10.41 -8.22 8.55
CA PRO A 472 9.17 -7.46 8.28
C PRO A 472 8.16 -7.68 9.39
N TRP A 473 7.55 -6.60 9.83
CA TRP A 473 6.61 -6.62 10.94
C TRP A 473 5.28 -6.03 10.50
N GLY A 474 4.22 -6.83 10.66
CA GLY A 474 2.89 -6.40 10.32
C GLY A 474 1.95 -7.58 10.26
N GLY A 475 0.68 -7.30 10.03
CA GLY A 475 -0.32 -8.34 9.99
C GLY A 475 -1.17 -8.37 8.75
N LYS A 476 -2.26 -9.13 8.83
CA LYS A 476 -3.25 -9.23 7.76
C LYS A 476 -4.65 -9.19 8.42
N LYS A 477 -5.72 -9.42 7.62
CA LYS A 477 -7.10 -9.37 8.11
C LYS A 477 -7.34 -8.03 8.81
N ARG A 478 -8.03 -8.00 9.99
CA ARG A 478 -8.27 -6.73 10.71
C ARG A 478 -7.07 -6.12 11.43
N SER A 479 -5.89 -6.77 11.36
CA SER A 479 -4.67 -6.22 11.96
C SER A 479 -4.01 -5.16 11.01
N GLY A 480 -4.56 -5.06 9.81
CA GLY A 480 -4.13 -4.08 8.82
C GLY A 480 -3.31 -4.62 7.67
N PHE A 481 -2.43 -3.77 7.16
CA PHE A 481 -1.60 -4.08 5.98
C PHE A 481 -0.35 -3.22 5.97
N GLY A 482 0.63 -3.65 5.20
CA GLY A 482 1.92 -3.01 5.08
C GLY A 482 2.87 -3.62 6.09
N ARG A 483 4.18 -3.48 5.85
CA ARG A 483 5.16 -4.03 6.77
C ARG A 483 6.13 -2.96 7.24
N ASP A 484 6.36 -2.91 8.56
CA ASP A 484 7.37 -2.05 9.15
C ASP A 484 8.65 -2.85 9.23
N LEU A 485 9.78 -2.16 9.48
CA LEU A 485 11.11 -2.76 9.70
C LEU A 485 11.75 -3.46 8.50
N GLY A 486 13.01 -3.88 8.63
CA GLY A 486 13.74 -4.52 7.54
C GLY A 486 13.85 -3.59 6.34
N LYS A 487 13.97 -4.17 5.15
CA LYS A 487 14.04 -3.37 3.90
C LYS A 487 12.65 -2.82 3.59
N TRP A 488 11.58 -3.50 4.05
CA TRP A 488 10.19 -3.05 3.85
C TRP A 488 9.98 -1.66 4.42
N GLY A 489 10.43 -1.41 5.66
CA GLY A 489 10.31 -0.11 6.32
C GLY A 489 10.86 1.05 5.49
N LEU A 490 12.03 0.83 4.87
CA LEU A 490 12.70 1.80 4.01
C LEU A 490 11.95 2.01 2.68
N GLU A 491 11.61 0.89 1.98
CA GLU A 491 10.93 0.87 0.68
C GLU A 491 9.59 1.54 0.71
N ASN A 492 8.88 1.48 1.87
CA ASN A 492 7.60 2.18 2.12
C ASN A 492 7.70 3.68 1.85
N PHE A 493 8.93 4.26 2.03
CA PHE A 493 9.24 5.67 1.89
C PHE A 493 10.01 6.07 0.59
N LEU A 494 9.97 5.20 -0.41
CA LEU A 494 10.60 5.48 -1.69
C LEU A 494 9.54 5.57 -2.78
N ASN A 495 9.72 6.52 -3.73
CA ASN A 495 8.92 6.62 -4.95
C ASN A 495 9.67 5.83 -6.00
N ILE A 496 9.00 4.91 -6.64
CA ILE A 496 9.64 4.10 -7.68
C ILE A 496 9.35 4.72 -9.03
N LYS A 497 10.39 4.95 -9.85
CA LYS A 497 10.30 5.53 -11.17
C LYS A 497 10.82 4.58 -12.22
N GLN A 498 10.03 4.39 -13.27
CA GLN A 498 10.45 3.69 -14.47
C GLN A 498 11.02 4.79 -15.40
N VAL A 499 12.21 4.56 -15.94
CA VAL A 499 12.84 5.50 -16.88
C VAL A 499 13.10 4.71 -18.17
N THR A 500 12.36 5.02 -19.23
CA THR A 500 12.43 4.31 -20.53
C THR A 500 12.87 5.27 -21.60
N GLU A 501 14.00 4.96 -22.23
CA GLU A 501 14.59 5.80 -23.26
C GLU A 501 14.61 5.13 -24.62
N TYR A 502 14.23 5.86 -25.67
CA TYR A 502 14.27 5.34 -27.03
C TYR A 502 15.63 5.70 -27.59
N THR A 503 16.43 4.70 -27.92
CA THR A 503 17.83 4.88 -28.39
C THR A 503 17.99 4.89 -29.91
N SER A 504 16.95 4.46 -30.64
CA SER A 504 16.96 4.37 -32.09
C SER A 504 16.86 5.72 -32.78
N ALA A 505 17.51 5.85 -33.95
CA ALA A 505 17.43 7.06 -34.77
C ALA A 505 16.24 6.93 -35.75
N GLU A 506 15.57 5.75 -35.75
CA GLU A 506 14.44 5.49 -36.65
C GLU A 506 13.12 6.09 -36.18
N PRO A 507 12.21 6.49 -37.12
CA PRO A 507 10.90 7.00 -36.68
C PRO A 507 10.08 5.84 -36.08
N LEU A 508 9.10 6.15 -35.20
CA LEU A 508 8.23 5.15 -34.60
C LEU A 508 7.49 4.35 -35.70
N ALA A 509 7.07 5.07 -36.78
CA ALA A 509 6.41 4.49 -37.93
C ALA A 509 5.06 3.83 -37.60
N PHE A 510 4.29 4.49 -36.73
CA PHE A 510 2.94 4.07 -36.36
C PHE A 510 1.99 4.89 -37.25
N TYR A 511 2.26 6.20 -37.40
CA TYR A 511 1.44 7.12 -38.20
C TYR A 511 2.01 7.34 -39.60
N LYS A 512 1.17 7.90 -40.49
CA LYS A 512 1.53 8.18 -41.88
C LYS A 512 2.17 9.57 -42.01
N SER A 513 3.43 9.65 -42.49
CA SER A 513 4.10 10.95 -42.68
C SER A 513 3.33 11.82 -43.69
N PRO A 514 3.11 13.13 -43.41
CA PRO A 514 2.34 13.96 -44.36
C PRO A 514 2.95 14.21 -45.74
N VAL B 19 -18.29 -10.31 -36.99
CA VAL B 19 -18.87 -10.85 -35.75
C VAL B 19 -18.61 -12.41 -35.63
N PRO B 20 -19.36 -13.32 -34.95
CA PRO B 20 -20.56 -13.14 -34.09
C PRO B 20 -20.23 -12.59 -32.71
N ILE B 21 -21.23 -11.99 -32.03
CA ILE B 21 -21.01 -11.48 -30.68
C ILE B 21 -21.41 -12.54 -29.65
N PRO B 22 -20.47 -13.01 -28.81
CA PRO B 22 -20.83 -14.01 -27.81
C PRO B 22 -21.87 -13.52 -26.80
N ARG B 23 -22.62 -14.46 -26.25
CA ARG B 23 -23.58 -14.19 -25.20
C ARG B 23 -23.20 -15.10 -24.07
N ARG B 24 -22.69 -14.53 -22.97
CA ARG B 24 -22.19 -15.33 -21.85
C ARG B 24 -22.94 -15.03 -20.56
N GLN B 25 -22.75 -15.89 -19.53
CA GLN B 25 -23.28 -15.67 -18.18
C GLN B 25 -22.07 -15.21 -17.34
N LEU B 26 -22.19 -15.14 -16.01
CA LEU B 26 -21.04 -14.83 -15.17
C LEU B 26 -20.13 -16.07 -15.12
N TYR B 27 -18.82 -15.90 -14.94
CA TYR B 27 -17.92 -17.04 -14.82
C TYR B 27 -17.58 -17.20 -13.34
N ILE B 28 -18.18 -18.20 -12.64
CA ILE B 28 -17.96 -18.35 -11.19
C ILE B 28 -17.74 -19.82 -10.86
N GLY B 29 -16.71 -20.07 -10.06
CA GLY B 29 -16.37 -21.42 -9.62
C GLY B 29 -16.30 -22.46 -10.73
N GLY B 30 -15.63 -22.08 -11.81
CA GLY B 30 -15.42 -22.92 -12.98
C GLY B 30 -16.62 -23.14 -13.87
N GLU B 31 -17.77 -22.46 -13.59
CA GLU B 31 -19.02 -22.64 -14.33
C GLU B 31 -19.62 -21.33 -14.81
N TRP B 32 -20.47 -21.43 -15.82
CA TRP B 32 -21.23 -20.28 -16.29
C TRP B 32 -22.42 -20.19 -15.34
N ARG B 33 -22.65 -19.02 -14.76
CA ARG B 33 -23.71 -18.85 -13.79
C ARG B 33 -24.51 -17.62 -14.11
N GLU B 34 -25.83 -17.78 -14.21
CA GLU B 34 -26.72 -16.66 -14.44
C GLU B 34 -26.70 -15.77 -13.18
N PRO B 35 -26.72 -14.42 -13.29
CA PRO B 35 -26.81 -13.59 -12.08
C PRO B 35 -28.10 -13.91 -11.31
N VAL B 36 -28.04 -13.91 -9.98
CA VAL B 36 -29.20 -14.21 -9.11
C VAL B 36 -30.45 -13.40 -9.53
N LYS B 37 -30.29 -12.08 -9.73
CA LYS B 37 -31.38 -11.18 -10.12
C LYS B 37 -31.74 -11.21 -11.61
N LYS B 38 -30.99 -12.01 -12.41
CA LYS B 38 -31.17 -12.26 -13.86
C LYS B 38 -31.13 -11.02 -14.79
N ASN B 39 -30.46 -9.95 -14.36
CA ASN B 39 -30.38 -8.75 -15.18
C ASN B 39 -29.28 -8.76 -16.23
N ARG B 40 -29.54 -8.05 -17.32
CA ARG B 40 -28.64 -7.89 -18.46
C ARG B 40 -28.51 -6.43 -18.77
N ILE B 41 -27.36 -6.06 -19.35
CA ILE B 41 -27.03 -4.68 -19.76
C ILE B 41 -26.46 -4.71 -21.17
N PRO B 42 -26.61 -3.66 -22.02
CA PRO B 42 -26.23 -3.82 -23.42
C PRO B 42 -24.76 -3.68 -23.77
N ILE B 43 -24.42 -4.13 -24.96
CA ILE B 43 -23.12 -3.96 -25.61
C ILE B 43 -23.45 -3.00 -26.76
N ILE B 44 -22.79 -1.83 -26.79
CA ILE B 44 -22.99 -0.84 -27.83
C ILE B 44 -21.71 -0.73 -28.61
N ASN B 45 -21.81 -0.78 -29.95
CA ASN B 45 -20.64 -0.61 -30.77
C ASN B 45 -20.46 0.91 -30.91
N PRO B 46 -19.36 1.52 -30.37
CA PRO B 46 -19.20 2.99 -30.46
C PRO B 46 -18.96 3.60 -31.84
N ALA B 47 -18.62 2.78 -32.83
CA ALA B 47 -18.39 3.19 -34.22
C ALA B 47 -19.70 3.41 -34.98
N THR B 48 -20.72 2.58 -34.67
CA THR B 48 -22.01 2.57 -35.36
C THR B 48 -23.16 3.03 -34.48
N GLU B 49 -22.94 3.02 -33.14
CA GLU B 49 -23.92 3.37 -32.07
C GLU B 49 -24.99 2.26 -31.94
N GLU B 50 -24.78 1.12 -32.57
CA GLU B 50 -25.75 0.01 -32.58
C GLU B 50 -25.58 -0.93 -31.38
N ILE B 51 -26.72 -1.42 -30.85
CA ILE B 51 -26.74 -2.41 -29.77
C ILE B 51 -26.34 -3.70 -30.50
N ILE B 52 -25.25 -4.33 -30.09
CA ILE B 52 -24.78 -5.54 -30.78
C ILE B 52 -24.90 -6.81 -29.94
N GLY B 53 -25.37 -6.64 -28.72
CA GLY B 53 -25.55 -7.73 -27.79
C GLY B 53 -25.81 -7.25 -26.38
N ASP B 54 -25.58 -8.14 -25.41
CA ASP B 54 -25.79 -7.85 -24.00
C ASP B 54 -24.87 -8.69 -23.11
N ILE B 55 -24.62 -8.21 -21.88
CA ILE B 55 -23.78 -8.86 -20.87
C ILE B 55 -24.52 -9.07 -19.55
N PRO B 56 -24.13 -10.06 -18.71
CA PRO B 56 -24.81 -10.21 -17.41
C PRO B 56 -24.52 -9.01 -16.50
N ALA B 57 -25.54 -8.57 -15.75
CA ALA B 57 -25.40 -7.46 -14.81
C ALA B 57 -25.42 -8.03 -13.39
N ALA B 58 -24.21 -8.33 -12.83
CA ALA B 58 -24.11 -8.88 -11.47
C ALA B 58 -24.43 -7.89 -10.36
N THR B 59 -24.93 -8.41 -9.23
CA THR B 59 -25.24 -7.62 -8.02
C THR B 59 -24.50 -8.27 -6.85
N ALA B 60 -24.67 -7.71 -5.63
CA ALA B 60 -24.03 -8.20 -4.40
C ALA B 60 -24.21 -9.70 -4.16
N GLU B 61 -25.40 -10.27 -4.49
CA GLU B 61 -25.61 -11.70 -4.32
C GLU B 61 -24.64 -12.53 -5.16
N ASP B 62 -24.27 -12.02 -6.36
CA ASP B 62 -23.29 -12.71 -7.20
C ASP B 62 -21.87 -12.52 -6.67
N VAL B 63 -21.58 -11.35 -6.05
CA VAL B 63 -20.25 -11.07 -5.46
C VAL B 63 -20.03 -12.09 -4.37
N ASP B 64 -21.01 -12.24 -3.46
CA ASP B 64 -20.98 -13.21 -2.34
C ASP B 64 -20.67 -14.62 -2.81
N ILE B 65 -21.34 -15.06 -3.88
CA ILE B 65 -21.12 -16.39 -4.47
C ILE B 65 -19.67 -16.50 -5.02
N ALA B 66 -19.19 -15.45 -5.71
CA ALA B 66 -17.85 -15.41 -6.28
C ALA B 66 -16.76 -15.48 -5.20
N VAL B 67 -16.96 -14.75 -4.08
CA VAL B 67 -16.03 -14.75 -2.92
C VAL B 67 -15.97 -16.14 -2.27
N GLU B 68 -17.14 -16.77 -2.08
CA GLU B 68 -17.19 -18.13 -1.53
C GLU B 68 -16.47 -19.09 -2.46
N ALA B 69 -16.65 -18.92 -3.79
CA ALA B 69 -15.96 -19.77 -4.77
C ALA B 69 -14.44 -19.57 -4.72
N ALA B 70 -13.96 -18.31 -4.56
CA ALA B 70 -12.53 -17.99 -4.48
C ALA B 70 -11.93 -18.53 -3.16
N ARG B 71 -12.67 -18.43 -2.04
CA ARG B 71 -12.27 -18.97 -0.73
C ARG B 71 -12.08 -20.49 -0.81
N LYS B 72 -13.01 -21.16 -1.53
CA LYS B 72 -12.97 -22.60 -1.76
C LYS B 72 -11.72 -23.00 -2.55
N ALA B 73 -11.28 -22.15 -3.52
CA ALA B 73 -10.07 -22.40 -4.32
C ALA B 73 -8.80 -22.37 -3.43
N ILE B 74 -8.66 -21.33 -2.57
CA ILE B 74 -7.53 -21.16 -1.64
C ILE B 74 -7.43 -22.36 -0.68
N ALA B 75 -8.59 -22.91 -0.24
CA ALA B 75 -8.62 -24.02 0.71
C ALA B 75 -8.41 -25.39 0.07
N ARG B 76 -8.61 -25.50 -1.27
CA ARG B 76 -8.50 -26.74 -2.04
C ARG B 76 -7.08 -27.00 -2.57
N ASP B 77 -6.70 -28.28 -2.70
CA ASP B 77 -5.38 -28.69 -3.20
C ASP B 77 -5.11 -28.31 -4.65
N ASP B 78 -6.17 -28.33 -5.46
CA ASP B 78 -6.33 -27.95 -6.88
C ASP B 78 -5.73 -26.57 -7.20
N TRP B 79 -5.76 -25.65 -6.22
CA TRP B 79 -5.29 -24.30 -6.37
C TRP B 79 -4.44 -23.83 -5.20
N GLY B 80 -5.02 -23.79 -3.99
CA GLY B 80 -4.35 -23.35 -2.78
C GLY B 80 -3.04 -24.05 -2.40
N SER B 81 -2.83 -25.30 -2.85
CA SER B 81 -1.62 -26.06 -2.56
C SER B 81 -0.77 -26.31 -3.83
N THR B 82 -1.05 -25.60 -4.96
CA THR B 82 -0.26 -25.75 -6.19
C THR B 82 1.16 -25.19 -6.00
N THR B 83 2.10 -25.65 -6.84
CA THR B 83 3.44 -25.13 -6.87
C THR B 83 3.36 -23.95 -7.85
N GLY B 84 4.38 -23.08 -7.84
CA GLY B 84 4.45 -21.99 -8.80
C GLY B 84 4.60 -22.54 -10.21
N ALA B 85 5.33 -23.66 -10.36
CA ALA B 85 5.52 -24.38 -11.64
C ALA B 85 4.18 -24.84 -12.21
N GLN B 86 3.26 -25.32 -11.33
CA GLN B 86 1.94 -25.78 -11.74
C GLN B 86 1.07 -24.63 -12.24
N ARG B 87 1.08 -23.48 -11.52
CA ARG B 87 0.32 -22.28 -11.93
C ARG B 87 0.88 -21.74 -13.26
N ALA B 88 2.23 -21.79 -13.44
CA ALA B 88 2.90 -21.34 -14.67
C ALA B 88 2.38 -22.09 -15.88
N LYS B 89 2.06 -23.40 -15.73
CA LYS B 89 1.48 -24.21 -16.80
C LYS B 89 0.11 -23.66 -17.23
N TYR B 90 -0.75 -23.34 -16.24
CA TYR B 90 -2.05 -22.75 -16.53
C TYR B 90 -1.94 -21.41 -17.26
N LEU B 91 -1.00 -20.54 -16.81
CA LEU B 91 -0.77 -19.23 -17.39
C LEU B 91 -0.37 -19.31 -18.86
N ARG B 92 0.53 -20.25 -19.17
CA ARG B 92 0.99 -20.50 -20.53
C ARG B 92 -0.10 -21.05 -21.42
N ALA B 93 -0.96 -21.96 -20.88
CA ALA B 93 -2.09 -22.52 -21.64
C ALA B 93 -3.11 -21.42 -21.97
N ILE B 94 -3.35 -20.48 -21.02
CA ILE B 94 -4.23 -19.33 -21.31
C ILE B 94 -3.62 -18.48 -22.44
N ALA B 95 -2.32 -18.16 -22.33
CA ALA B 95 -1.59 -17.37 -23.33
C ALA B 95 -1.70 -17.96 -24.74
N ALA B 96 -1.54 -19.31 -24.85
CA ALA B 96 -1.61 -20.03 -26.14
C ALA B 96 -3.01 -20.01 -26.74
N LYS B 97 -4.03 -20.08 -25.90
CA LYS B 97 -5.42 -19.98 -26.36
C LYS B 97 -5.74 -18.54 -26.82
N VAL B 98 -5.16 -17.51 -26.13
CA VAL B 98 -5.31 -16.12 -26.57
C VAL B 98 -4.71 -15.95 -27.99
N LEU B 99 -3.47 -16.47 -28.22
CA LEU B 99 -2.80 -16.38 -29.54
C LEU B 99 -3.55 -17.14 -30.63
N GLU B 100 -4.12 -18.32 -30.29
CA GLU B 100 -4.94 -19.10 -31.20
C GLU B 100 -6.17 -18.27 -31.64
N LYS B 101 -6.82 -17.63 -30.65
CA LYS B 101 -8.02 -16.79 -30.88
C LYS B 101 -7.71 -15.31 -31.17
N LYS B 102 -6.43 -14.95 -31.36
CA LYS B 102 -5.96 -13.57 -31.59
C LYS B 102 -6.84 -12.68 -32.48
N SER B 103 -7.07 -13.13 -33.74
CA SER B 103 -7.85 -12.39 -34.74
C SER B 103 -9.30 -12.15 -34.28
N VAL B 104 -9.94 -13.19 -33.71
CA VAL B 104 -11.32 -13.14 -33.16
C VAL B 104 -11.37 -12.19 -31.96
N LEU B 105 -10.44 -12.33 -31.01
CA LEU B 105 -10.43 -11.46 -29.83
C LEU B 105 -10.12 -10.02 -30.17
N ALA B 106 -9.20 -9.78 -31.11
CA ALA B 106 -8.87 -8.39 -31.50
C ALA B 106 -10.09 -7.74 -32.17
N THR B 107 -10.87 -8.54 -32.98
CA THR B 107 -12.09 -8.03 -33.65
C THR B 107 -13.10 -7.65 -32.59
N LEU B 108 -13.33 -8.54 -31.62
CA LEU B 108 -14.26 -8.26 -30.51
C LEU B 108 -13.83 -7.04 -29.67
N GLU B 109 -12.53 -6.93 -29.38
CA GLU B 109 -12.00 -5.76 -28.64
C GLU B 109 -12.35 -4.45 -29.38
N SER B 110 -12.17 -4.43 -30.72
CA SER B 110 -12.51 -3.23 -31.50
C SER B 110 -13.98 -2.92 -31.53
N LEU B 111 -14.82 -3.97 -31.73
CA LEU B 111 -16.27 -3.83 -31.79
C LEU B 111 -16.83 -3.28 -30.49
N ASP B 112 -16.29 -3.75 -29.36
CA ASP B 112 -16.70 -3.37 -28.04
C ASP B 112 -16.22 -1.99 -27.60
N SER B 113 -14.93 -1.70 -27.83
CA SER B 113 -14.35 -0.46 -27.31
C SER B 113 -14.15 0.69 -28.25
N GLY B 114 -14.14 0.42 -29.55
CA GLY B 114 -13.87 1.43 -30.58
C GLY B 114 -12.38 1.51 -30.91
N LYS B 115 -11.56 0.71 -30.19
CA LYS B 115 -10.10 0.65 -30.39
C LYS B 115 -9.83 0.20 -31.83
N THR B 116 -8.80 0.76 -32.50
CA THR B 116 -8.50 0.30 -33.88
C THR B 116 -8.12 -1.19 -33.85
N LEU B 117 -8.32 -1.90 -34.97
CA LEU B 117 -7.98 -3.32 -35.10
C LEU B 117 -6.49 -3.52 -34.87
N TYR B 118 -5.66 -2.62 -35.44
CA TYR B 118 -4.21 -2.66 -35.28
C TYR B 118 -3.82 -2.58 -33.78
N GLU B 119 -4.43 -1.64 -33.04
CA GLU B 119 -4.17 -1.48 -31.60
C GLU B 119 -4.72 -2.67 -30.81
N SER B 120 -5.88 -3.21 -31.21
CA SER B 120 -6.52 -4.36 -30.58
C SER B 120 -5.63 -5.60 -30.71
N ALA B 121 -5.05 -5.80 -31.90
CA ALA B 121 -4.13 -6.88 -32.18
C ALA B 121 -2.84 -6.74 -31.35
N ALA B 122 -2.32 -5.50 -31.18
CA ALA B 122 -1.12 -5.22 -30.36
C ALA B 122 -1.41 -5.56 -28.89
N ASP B 123 -2.60 -5.23 -28.40
CA ASP B 123 -3.03 -5.56 -27.04
C ASP B 123 -3.02 -7.07 -26.82
N MET B 124 -3.54 -7.84 -27.79
CA MET B 124 -3.56 -9.30 -27.71
C MET B 124 -2.17 -9.89 -27.59
N ASP B 125 -1.20 -9.34 -28.33
CA ASP B 125 0.19 -9.78 -28.24
C ASP B 125 0.74 -9.40 -26.85
N ASP B 126 0.35 -8.20 -26.34
CA ASP B 126 0.80 -7.76 -25.00
C ASP B 126 0.24 -8.65 -23.91
N VAL B 127 -0.98 -9.15 -24.10
CA VAL B 127 -1.64 -10.09 -23.19
C VAL B 127 -0.79 -11.38 -23.11
N ALA B 128 -0.47 -11.99 -24.27
CA ALA B 128 0.34 -13.21 -24.34
C ALA B 128 1.68 -13.00 -23.64
N GLY B 129 2.34 -11.88 -23.93
CA GLY B 129 3.61 -11.50 -23.33
C GLY B 129 3.52 -11.31 -21.83
N CYS B 130 2.39 -10.76 -21.35
CA CYS B 130 2.17 -10.55 -19.91
C CYS B 130 2.03 -11.91 -19.20
N PHE B 131 1.22 -12.80 -19.78
CA PHE B 131 1.03 -14.15 -19.22
C PHE B 131 2.34 -14.93 -19.17
N GLU B 132 3.15 -14.81 -20.24
CA GLU B 132 4.45 -15.49 -20.34
C GLU B 132 5.44 -14.92 -19.32
N TYR B 133 5.48 -13.59 -19.16
CA TYR B 133 6.34 -12.95 -18.16
C TYR B 133 6.03 -13.49 -16.73
N TYR B 134 4.73 -13.48 -16.36
CA TYR B 134 4.29 -13.99 -15.06
C TYR B 134 4.43 -15.50 -14.91
N ALA B 135 4.36 -16.25 -16.02
CA ALA B 135 4.59 -17.71 -15.97
C ALA B 135 6.04 -17.97 -15.52
N GLY B 136 6.99 -17.20 -16.09
CA GLY B 136 8.40 -17.28 -15.73
C GLY B 136 8.63 -16.92 -14.26
N LEU B 137 7.98 -15.84 -13.78
CA LEU B 137 8.09 -15.46 -12.35
C LEU B 137 7.48 -16.53 -11.43
N ALA B 138 6.34 -17.15 -11.87
CA ALA B 138 5.71 -18.24 -11.08
C ALA B 138 6.64 -19.46 -10.97
N GLU B 139 7.45 -19.72 -12.01
CA GLU B 139 8.45 -20.79 -12.04
C GLU B 139 9.64 -20.52 -11.10
N ALA B 140 9.94 -19.24 -10.79
CA ALA B 140 11.03 -18.83 -9.90
C ALA B 140 10.54 -18.63 -8.44
N LEU B 141 9.23 -18.41 -8.28
CA LEU B 141 8.56 -18.11 -7.01
C LEU B 141 8.85 -19.04 -5.86
N ASP B 142 8.75 -20.38 -6.09
CA ASP B 142 8.95 -21.38 -5.05
C ASP B 142 10.35 -21.45 -4.44
N SER B 143 11.40 -21.14 -5.22
CA SER B 143 12.76 -21.11 -4.67
C SER B 143 12.98 -19.89 -3.76
N ARG B 144 12.06 -18.89 -3.78
CA ARG B 144 12.15 -17.67 -2.98
C ARG B 144 11.08 -17.62 -1.87
N ARG B 145 10.32 -18.72 -1.70
CA ARG B 145 9.26 -18.90 -0.68
C ARG B 145 9.79 -18.65 0.75
N MET B 146 10.97 -19.22 1.07
CA MET B 146 11.62 -19.18 2.37
C MET B 146 12.97 -18.47 2.26
N THR B 147 13.15 -17.34 2.97
CA THR B 147 14.43 -16.61 2.92
C THR B 147 15.08 -16.51 4.32
N PRO B 148 16.18 -17.26 4.60
CA PRO B 148 16.85 -17.12 5.91
C PRO B 148 17.38 -15.71 6.13
N VAL B 149 17.25 -15.23 7.37
CA VAL B 149 17.64 -13.87 7.69
C VAL B 149 18.72 -13.87 8.76
N ASN B 150 19.81 -13.09 8.51
CA ASN B 150 20.92 -12.92 9.43
C ASN B 150 20.49 -12.03 10.59
N LEU B 151 20.65 -12.55 11.81
CA LEU B 151 20.37 -11.82 13.04
C LEU B 151 21.66 -11.79 13.84
N ASN B 152 21.86 -10.74 14.64
CA ASN B 152 23.06 -10.64 15.47
C ASN B 152 22.76 -11.33 16.79
N SER B 153 22.36 -12.62 16.72
CA SER B 153 21.99 -13.46 17.86
C SER B 153 22.17 -14.95 17.57
N ASP B 154 22.53 -15.73 18.61
CA ASP B 154 22.72 -17.17 18.54
C ASP B 154 21.56 -17.95 19.21
N SER B 155 20.61 -17.24 19.85
CA SER B 155 19.43 -17.84 20.52
C SER B 155 18.18 -17.88 19.63
N TYR B 156 18.20 -17.10 18.52
CA TYR B 156 17.09 -16.97 17.58
C TYR B 156 17.49 -17.30 16.15
N LYS B 157 16.57 -17.96 15.44
CA LYS B 157 16.65 -18.41 14.05
C LYS B 157 15.38 -17.86 13.38
N SER B 158 15.53 -17.06 12.33
CA SER B 158 14.43 -16.43 11.62
C SER B 158 14.53 -16.47 10.14
N TYR B 159 13.38 -16.43 9.47
CA TYR B 159 13.25 -16.38 8.03
C TYR B 159 11.95 -15.67 7.63
N VAL B 160 11.91 -15.25 6.38
CA VAL B 160 10.73 -14.61 5.77
C VAL B 160 10.08 -15.68 4.89
N LEU B 161 8.76 -15.81 5.03
CA LEU B 161 7.93 -16.76 4.29
C LEU B 161 6.98 -15.94 3.46
N ARG B 162 6.95 -16.20 2.16
CA ARG B 162 6.04 -15.53 1.24
C ARG B 162 4.96 -16.52 0.84
N GLU B 163 3.68 -16.12 0.88
CA GLU B 163 2.58 -17.03 0.55
C GLU B 163 1.49 -16.22 -0.20
N PRO B 164 0.48 -16.84 -0.87
CA PRO B 164 -0.55 -16.02 -1.51
C PRO B 164 -1.31 -15.15 -0.51
N LEU B 165 -1.65 -13.91 -0.88
CA LEU B 165 -2.40 -12.99 0.01
C LEU B 165 -3.82 -13.52 0.31
N GLY B 166 -4.45 -14.15 -0.68
CA GLY B 166 -5.79 -14.71 -0.47
C GLY B 166 -6.72 -14.40 -1.62
N VAL B 167 -7.89 -13.86 -1.29
CA VAL B 167 -8.96 -13.54 -2.26
C VAL B 167 -8.80 -12.09 -2.65
N VAL B 168 -8.63 -11.85 -3.96
CA VAL B 168 -8.41 -10.48 -4.39
C VAL B 168 -9.48 -10.00 -5.39
N GLY B 169 -9.89 -8.75 -5.25
CA GLY B 169 -10.85 -8.13 -6.14
C GLY B 169 -10.12 -7.25 -7.12
N LEU B 170 -10.35 -7.46 -8.43
CA LEU B 170 -9.62 -6.70 -9.47
C LEU B 170 -10.63 -5.93 -10.30
N ILE B 171 -10.66 -4.62 -10.16
CA ILE B 171 -11.64 -3.76 -10.84
C ILE B 171 -10.90 -2.98 -11.88
N THR B 172 -11.25 -3.22 -13.13
CA THR B 172 -10.51 -2.72 -14.30
C THR B 172 -11.29 -1.81 -15.28
N PRO B 173 -10.56 -1.05 -16.14
CA PRO B 173 -11.24 -0.11 -17.05
C PRO B 173 -11.42 -0.61 -18.48
N TRP B 174 -12.24 0.13 -19.24
CA TRP B 174 -12.59 -0.18 -20.62
C TRP B 174 -11.54 0.24 -21.64
N ASN B 175 -10.50 1.05 -21.26
CA ASN B 175 -9.56 1.53 -22.28
C ASN B 175 -8.62 0.49 -22.88
N TYR B 176 -8.31 -0.57 -22.12
CA TYR B 176 -7.51 -1.73 -22.58
C TYR B 176 -8.25 -2.86 -21.89
N PRO B 177 -9.43 -3.24 -22.47
CA PRO B 177 -10.32 -4.19 -21.77
C PRO B 177 -9.66 -5.44 -21.27
N LEU B 178 -9.08 -6.21 -22.18
CA LEU B 178 -8.42 -7.44 -21.79
C LEU B 178 -7.02 -7.19 -21.19
N LEU B 179 -6.25 -6.25 -21.76
CA LEU B 179 -4.89 -6.00 -21.30
C LEU B 179 -4.81 -5.53 -19.87
N MET B 180 -5.64 -4.53 -19.47
CA MET B 180 -5.65 -4.02 -18.08
C MET B 180 -6.12 -5.12 -17.12
N ALA B 181 -7.05 -6.00 -17.57
CA ALA B 181 -7.50 -7.14 -16.77
C ALA B 181 -6.31 -8.09 -16.53
N ILE B 182 -5.52 -8.37 -17.58
CA ILE B 182 -4.35 -9.28 -17.50
C ILE B 182 -3.22 -8.74 -16.63
N TRP B 183 -3.01 -7.40 -16.66
CA TRP B 183 -1.99 -6.77 -15.82
C TRP B 183 -2.23 -7.13 -14.35
N LYS B 184 -3.49 -7.33 -13.98
CA LYS B 184 -3.88 -7.73 -12.62
C LYS B 184 -4.03 -9.24 -12.47
N VAL B 185 -4.70 -9.90 -13.44
CA VAL B 185 -4.96 -11.36 -13.43
C VAL B 185 -3.69 -12.21 -13.44
N ALA B 186 -2.78 -11.94 -14.40
CA ALA B 186 -1.55 -12.73 -14.53
C ALA B 186 -0.71 -12.74 -13.24
N PRO B 187 -0.38 -11.60 -12.56
CA PRO B 187 0.35 -11.70 -11.29
C PRO B 187 -0.44 -12.26 -10.11
N ALA B 188 -1.77 -12.01 -10.03
CA ALA B 188 -2.59 -12.57 -8.95
C ALA B 188 -2.59 -14.12 -9.02
N LEU B 189 -2.73 -14.68 -10.24
CA LEU B 189 -2.71 -16.14 -10.44
C LEU B 189 -1.31 -16.68 -10.24
N ALA B 190 -0.30 -15.96 -10.75
CA ALA B 190 1.12 -16.34 -10.53
C ALA B 190 1.46 -16.43 -9.00
N ALA B 191 0.99 -15.45 -8.18
CA ALA B 191 1.17 -15.43 -6.72
C ALA B 191 0.39 -16.54 -5.98
N GLY B 192 -0.59 -17.15 -6.64
CA GLY B 192 -1.40 -18.19 -5.99
C GLY B 192 -2.70 -17.69 -5.36
N CYS B 193 -3.06 -16.42 -5.61
CA CYS B 193 -4.33 -15.86 -5.11
C CYS B 193 -5.51 -16.43 -5.89
N ALA B 194 -6.72 -16.19 -5.40
CA ALA B 194 -7.95 -16.50 -6.11
C ALA B 194 -8.56 -15.14 -6.39
N ALA B 195 -8.80 -14.85 -7.66
CA ALA B 195 -9.26 -13.53 -8.07
C ALA B 195 -10.70 -13.44 -8.51
N ILE B 196 -11.30 -12.28 -8.26
CA ILE B 196 -12.62 -11.90 -8.73
C ILE B 196 -12.37 -10.66 -9.58
N LEU B 197 -12.52 -10.82 -10.89
CA LEU B 197 -12.29 -9.76 -11.84
C LEU B 197 -13.62 -9.08 -12.16
N LYS B 198 -13.64 -7.73 -12.04
CA LYS B 198 -14.83 -6.93 -12.38
C LYS B 198 -14.45 -5.93 -13.52
N PRO B 199 -14.63 -6.34 -14.81
CA PRO B 199 -14.32 -5.45 -15.93
C PRO B 199 -15.35 -4.32 -16.07
N SER B 200 -15.01 -3.25 -16.84
CA SER B 200 -15.94 -2.14 -17.09
C SER B 200 -17.14 -2.63 -17.88
N GLU B 201 -18.34 -2.14 -17.52
CA GLU B 201 -19.61 -2.45 -18.18
C GLU B 201 -19.62 -1.90 -19.61
N LEU B 202 -18.65 -1.01 -19.95
CA LEU B 202 -18.56 -0.43 -21.30
C LEU B 202 -17.76 -1.33 -22.26
N ALA B 203 -16.98 -2.27 -21.70
CA ALA B 203 -16.15 -3.16 -22.54
C ALA B 203 -15.83 -4.49 -21.82
N SER B 204 -16.79 -5.41 -21.83
CA SER B 204 -16.65 -6.68 -21.12
C SER B 204 -16.51 -7.92 -22.00
N ILE B 205 -16.68 -7.79 -23.32
CA ILE B 205 -16.67 -8.99 -24.20
C ILE B 205 -15.44 -9.88 -24.02
N THR B 206 -14.23 -9.30 -24.21
CA THR B 206 -13.00 -10.13 -24.15
C THR B 206 -12.72 -10.73 -22.78
N CYS B 207 -13.10 -10.03 -21.70
CA CYS B 207 -12.96 -10.53 -20.33
C CYS B 207 -13.86 -11.71 -20.08
N LEU B 208 -15.08 -11.69 -20.69
CA LEU B 208 -15.98 -12.84 -20.59
C LEU B 208 -15.44 -13.99 -21.42
N GLU B 209 -14.74 -13.69 -22.54
CA GLU B 209 -14.09 -14.71 -23.38
C GLU B 209 -12.87 -15.31 -22.66
N LEU B 210 -12.26 -14.56 -21.75
CA LEU B 210 -11.20 -15.10 -20.88
C LEU B 210 -11.76 -16.23 -20.01
N GLY B 211 -13.00 -16.06 -19.52
CA GLY B 211 -13.71 -17.04 -18.71
C GLY B 211 -13.88 -18.34 -19.49
N GLU B 212 -14.28 -18.23 -20.77
CA GLU B 212 -14.43 -19.39 -21.67
C GLU B 212 -13.08 -20.05 -21.90
N ILE B 213 -12.01 -19.26 -22.00
CA ILE B 213 -10.65 -19.78 -22.16
C ILE B 213 -10.24 -20.57 -20.92
N CYS B 214 -10.52 -20.04 -19.72
CA CYS B 214 -10.20 -20.72 -18.45
C CYS B 214 -10.93 -22.06 -18.35
N ARG B 215 -12.18 -22.12 -18.86
CA ARG B 215 -12.96 -23.36 -18.95
C ARG B 215 -12.24 -24.36 -19.85
N GLU B 216 -11.86 -23.91 -21.06
CA GLU B 216 -11.15 -24.74 -22.05
C GLU B 216 -9.82 -25.32 -21.55
N ILE B 217 -9.07 -24.57 -20.72
CA ILE B 217 -7.76 -25.02 -20.22
C ILE B 217 -7.87 -25.77 -18.91
N GLY B 218 -9.07 -25.85 -18.37
CA GLY B 218 -9.35 -26.50 -17.11
C GLY B 218 -8.79 -25.79 -15.90
N LEU B 219 -8.85 -24.44 -15.89
CA LEU B 219 -8.39 -23.67 -14.72
C LEU B 219 -9.22 -24.11 -13.48
N PRO B 220 -8.54 -24.47 -12.37
CA PRO B 220 -9.28 -24.90 -11.17
C PRO B 220 -10.36 -23.94 -10.67
N SER B 221 -11.49 -24.52 -10.31
CA SER B 221 -12.69 -23.82 -9.84
C SER B 221 -12.43 -22.73 -8.80
N GLY B 222 -12.83 -21.50 -9.14
CA GLY B 222 -12.68 -20.36 -8.24
C GLY B 222 -11.36 -19.62 -8.33
N ALA B 223 -10.37 -20.15 -9.09
CA ALA B 223 -9.05 -19.49 -9.20
C ALA B 223 -9.26 -18.11 -9.81
N LEU B 224 -10.20 -18.03 -10.80
CA LEU B 224 -10.59 -16.78 -11.44
C LEU B 224 -12.09 -16.77 -11.60
N ASN B 225 -12.70 -15.68 -11.16
CA ASN B 225 -14.15 -15.51 -11.25
C ASN B 225 -14.37 -14.19 -11.93
N ILE B 226 -15.18 -14.18 -12.98
CA ILE B 226 -15.42 -12.96 -13.75
C ILE B 226 -16.87 -12.50 -13.60
N LEU B 227 -17.02 -11.32 -13.04
CA LEU B 227 -18.30 -10.69 -12.77
C LEU B 227 -18.43 -9.40 -13.57
N THR B 228 -19.33 -9.38 -14.52
CA THR B 228 -19.62 -8.17 -15.26
C THR B 228 -20.84 -7.50 -14.60
N GLY B 229 -21.01 -6.22 -14.84
CA GLY B 229 -22.09 -5.41 -14.28
C GLY B 229 -21.66 -3.99 -14.00
N LEU B 230 -22.60 -3.16 -13.53
CA LEU B 230 -22.39 -1.76 -13.21
C LEU B 230 -21.44 -1.61 -11.99
N GLY B 231 -20.63 -0.56 -12.00
CA GLY B 231 -19.65 -0.29 -10.95
C GLY B 231 -20.20 -0.36 -9.53
N PRO B 232 -21.25 0.42 -9.20
CA PRO B 232 -21.80 0.37 -7.85
C PRO B 232 -22.40 -0.98 -7.45
N GLU B 233 -23.05 -1.68 -8.40
CA GLU B 233 -23.73 -2.95 -8.13
C GLU B 233 -22.84 -4.17 -8.03
N ALA B 234 -21.79 -4.24 -8.88
CA ALA B 234 -20.89 -5.40 -8.94
C ALA B 234 -19.49 -5.10 -8.36
N GLY B 235 -18.95 -3.93 -8.63
CA GLY B 235 -17.64 -3.54 -8.09
C GLY B 235 -17.70 -3.15 -6.62
N GLY B 236 -18.68 -2.32 -6.27
CA GLY B 236 -18.91 -1.85 -4.90
C GLY B 236 -18.93 -2.93 -3.84
N PRO B 237 -19.76 -4.01 -3.98
CA PRO B 237 -19.77 -5.06 -2.95
C PRO B 237 -18.42 -5.76 -2.73
N LEU B 238 -17.56 -5.80 -3.77
CA LEU B 238 -16.21 -6.41 -3.69
C LEU B 238 -15.35 -5.63 -2.70
N ALA B 239 -15.42 -4.30 -2.83
CA ALA B 239 -14.71 -3.31 -2.03
C ALA B 239 -15.11 -3.37 -0.55
N SER B 240 -16.39 -3.65 -0.26
CA SER B 240 -16.87 -3.74 1.13
C SER B 240 -17.03 -5.18 1.65
N HIS B 241 -16.58 -6.19 0.88
CA HIS B 241 -16.75 -7.56 1.29
C HIS B 241 -15.85 -7.99 2.45
N PRO B 242 -16.39 -8.66 3.50
CA PRO B 242 -15.52 -9.13 4.62
C PRO B 242 -14.43 -10.15 4.26
N HIS B 243 -14.60 -10.91 3.17
CA HIS B 243 -13.61 -11.94 2.83
C HIS B 243 -12.75 -11.68 1.61
N VAL B 244 -12.67 -10.42 1.17
CA VAL B 244 -11.79 -9.99 0.09
C VAL B 244 -10.57 -9.39 0.80
N ASP B 245 -9.40 -9.98 0.55
CA ASP B 245 -8.20 -9.56 1.24
C ASP B 245 -7.61 -8.26 0.72
N LYS B 246 -7.83 -7.94 -0.57
CA LYS B 246 -7.25 -6.73 -1.18
C LYS B 246 -8.01 -6.38 -2.44
N ILE B 247 -8.06 -5.07 -2.77
CA ILE B 247 -8.61 -4.58 -4.01
C ILE B 247 -7.51 -3.99 -4.83
N SER B 248 -7.46 -4.34 -6.13
CA SER B 248 -6.52 -3.73 -7.08
C SER B 248 -7.39 -2.98 -8.09
N PHE B 249 -7.27 -1.65 -8.15
CA PHE B 249 -8.13 -0.83 -9.01
C PHE B 249 -7.37 0.01 -10.02
N THR B 250 -7.92 0.11 -11.24
CA THR B 250 -7.48 0.98 -12.31
C THR B 250 -8.71 1.64 -12.91
N GLY B 251 -8.72 2.97 -12.90
CA GLY B 251 -9.82 3.77 -13.44
C GLY B 251 -9.79 5.22 -13.00
N SER B 252 -10.97 5.84 -12.81
CA SER B 252 -11.03 7.25 -12.44
C SER B 252 -10.77 7.53 -10.95
N GLY B 253 -10.23 8.72 -10.66
CA GLY B 253 -9.97 9.22 -9.32
C GLY B 253 -11.20 9.24 -8.42
N PRO B 254 -12.37 9.77 -8.89
CA PRO B 254 -13.57 9.76 -8.02
C PRO B 254 -14.01 8.34 -7.65
N THR B 255 -13.88 7.37 -8.57
CA THR B 255 -14.20 5.96 -8.33
C THR B 255 -13.20 5.36 -7.34
N GLY B 256 -11.90 5.61 -7.58
CA GLY B 256 -10.82 5.17 -6.70
C GLY B 256 -11.08 5.62 -5.26
N SER B 257 -11.43 6.90 -5.06
CA SER B 257 -11.76 7.46 -3.72
C SER B 257 -12.90 6.70 -3.08
N LYS B 258 -13.96 6.38 -3.87
CA LYS B 258 -15.12 5.62 -3.34
C LYS B 258 -14.71 4.25 -2.85
N ILE B 259 -13.92 3.53 -3.68
CA ILE B 259 -13.41 2.21 -3.36
C ILE B 259 -12.54 2.22 -2.11
N MET B 260 -11.63 3.21 -2.02
CA MET B 260 -10.75 3.31 -0.86
C MET B 260 -11.55 3.66 0.41
N THR B 261 -12.61 4.47 0.27
CA THR B 261 -13.47 4.83 1.40
C THR B 261 -14.16 3.57 1.93
N ALA B 262 -14.72 2.76 1.01
CA ALA B 262 -15.42 1.52 1.35
C ALA B 262 -14.43 0.51 1.96
N ALA B 263 -13.21 0.40 1.39
CA ALA B 263 -12.20 -0.52 1.92
C ALA B 263 -11.74 -0.10 3.33
N ALA B 264 -11.68 1.24 3.61
CA ALA B 264 -11.27 1.77 4.92
C ALA B 264 -12.12 1.22 6.06
N GLN B 265 -13.44 1.00 5.84
CA GLN B 265 -14.34 0.44 6.85
C GLN B 265 -13.95 -0.96 7.31
N LEU B 266 -13.24 -1.70 6.45
CA LEU B 266 -12.76 -3.03 6.74
C LEU B 266 -11.24 -3.06 6.80
N VAL B 267 -10.59 -1.88 6.89
CA VAL B 267 -9.13 -1.74 6.92
C VAL B 267 -8.45 -2.68 5.90
N LYS B 268 -9.03 -2.70 4.69
CA LYS B 268 -8.69 -3.53 3.56
C LYS B 268 -7.71 -2.79 2.63
N PRO B 269 -6.55 -3.37 2.29
CA PRO B 269 -5.60 -2.62 1.43
C PRO B 269 -6.16 -2.50 0.02
N VAL B 270 -5.74 -1.44 -0.65
CA VAL B 270 -6.13 -1.16 -2.04
C VAL B 270 -4.90 -0.56 -2.75
N SER B 271 -4.87 -0.69 -4.07
CA SER B 271 -3.88 0.00 -4.91
C SER B 271 -4.76 0.77 -5.89
N LEU B 272 -4.35 1.98 -6.24
CA LEU B 272 -5.11 2.85 -7.14
C LEU B 272 -4.23 3.34 -8.28
N GLU B 273 -4.58 2.98 -9.55
CA GLU B 273 -3.92 3.46 -10.79
C GLU B 273 -4.96 4.36 -11.39
N LEU B 274 -4.76 5.64 -11.26
CA LEU B 274 -5.76 6.62 -11.63
C LEU B 274 -5.30 7.43 -12.83
N GLY B 275 -6.03 8.48 -13.20
CA GLY B 275 -5.67 9.28 -14.37
C GLY B 275 -4.41 10.13 -14.24
N GLY B 276 -4.18 10.97 -15.23
CA GLY B 276 -3.05 11.89 -15.23
C GLY B 276 -3.23 13.05 -16.18
N LYS B 277 -2.27 13.95 -16.17
CA LYS B 277 -2.19 15.10 -17.08
C LYS B 277 -0.70 15.22 -17.39
N SER B 278 -0.17 14.13 -17.95
CA SER B 278 1.26 13.99 -18.21
C SER B 278 1.83 14.98 -19.22
N PRO B 279 2.97 15.62 -18.88
CA PRO B 279 3.61 16.55 -19.83
C PRO B 279 4.61 15.88 -20.80
N ILE B 280 4.78 16.47 -22.00
CA ILE B 280 5.81 16.12 -22.98
C ILE B 280 6.61 17.42 -23.22
N VAL B 281 7.88 17.43 -22.84
CA VAL B 281 8.74 18.60 -22.91
C VAL B 281 9.64 18.49 -24.14
N VAL B 282 9.50 19.45 -25.09
CA VAL B 282 10.26 19.43 -26.33
C VAL B 282 11.24 20.61 -26.35
N PHE B 283 12.56 20.30 -26.36
CA PHE B 283 13.65 21.24 -26.39
C PHE B 283 14.08 21.53 -27.81
N ASP B 284 14.75 22.68 -28.02
CA ASP B 284 15.21 23.10 -29.35
C ASP B 284 16.34 22.27 -29.96
N ASP B 285 17.03 21.43 -29.16
CA ASP B 285 18.11 20.58 -29.68
C ASP B 285 17.67 19.20 -30.21
N ILE B 286 16.36 18.96 -30.39
CA ILE B 286 15.86 17.69 -30.96
C ILE B 286 16.45 17.52 -32.38
N ASP B 287 16.92 16.31 -32.70
CA ASP B 287 17.57 15.96 -33.96
C ASP B 287 16.66 16.02 -35.18
N ASN B 288 15.43 15.51 -35.02
CA ASN B 288 14.48 15.40 -36.12
C ASN B 288 13.11 15.84 -35.63
N LEU B 289 12.53 16.86 -36.30
CA LEU B 289 11.21 17.39 -35.91
C LEU B 289 10.08 16.40 -36.16
N ASP B 290 10.14 15.64 -37.29
CA ASP B 290 9.11 14.67 -37.66
C ASP B 290 9.05 13.49 -36.72
N ILE B 291 10.21 13.02 -36.24
CA ILE B 291 10.29 11.88 -35.30
C ILE B 291 9.67 12.29 -33.95
N ALA B 292 9.98 13.50 -33.47
CA ALA B 292 9.45 14.04 -32.21
C ALA B 292 7.97 14.39 -32.35
N ALA B 293 7.54 14.86 -33.54
CA ALA B 293 6.12 15.18 -33.75
C ALA B 293 5.32 13.89 -33.75
N GLU B 294 5.88 12.81 -34.34
CA GLU B 294 5.20 11.52 -34.38
C GLU B 294 5.03 10.94 -32.97
N TRP B 295 6.07 11.06 -32.13
CA TRP B 295 5.99 10.63 -30.72
C TRP B 295 4.92 11.45 -29.97
N THR B 296 4.81 12.75 -30.26
CA THR B 296 3.78 13.62 -29.67
C THR B 296 2.38 13.15 -30.04
N LEU B 297 2.14 12.83 -31.33
CA LEU B 297 0.85 12.29 -31.79
C LEU B 297 0.54 10.99 -31.03
N PHE B 298 1.53 10.12 -30.93
CA PHE B 298 1.37 8.82 -30.27
C PHE B 298 1.00 8.96 -28.79
N GLY B 299 1.67 9.89 -28.12
CA GLY B 299 1.46 10.16 -26.70
C GLY B 299 0.10 10.74 -26.39
N ILE B 300 -0.63 11.26 -27.41
CA ILE B 300 -1.92 11.88 -27.15
C ILE B 300 -3.09 11.35 -27.98
N PHE B 301 -2.88 11.00 -29.26
CA PHE B 301 -4.00 10.54 -30.10
C PHE B 301 -4.20 9.04 -30.18
N ALA B 302 -3.16 8.24 -29.89
CA ALA B 302 -3.28 6.79 -29.88
C ALA B 302 -4.33 6.40 -28.84
N ASN B 303 -5.13 5.38 -29.17
CA ASN B 303 -6.27 4.92 -28.35
C ASN B 303 -7.28 6.06 -28.17
N THR B 304 -7.35 6.99 -29.15
CA THR B 304 -8.24 8.18 -29.11
C THR B 304 -8.03 9.01 -27.83
N GLY B 305 -6.80 9.02 -27.34
CA GLY B 305 -6.41 9.74 -26.13
C GLY B 305 -6.92 9.16 -24.83
N GLN B 306 -7.51 7.97 -24.90
CA GLN B 306 -8.08 7.30 -23.73
C GLN B 306 -6.97 6.46 -23.10
N VAL B 307 -5.93 7.14 -22.60
CA VAL B 307 -4.71 6.55 -22.03
C VAL B 307 -4.41 7.33 -20.77
N CYS B 308 -4.35 6.65 -19.60
CA CYS B 308 -4.07 7.33 -18.33
C CYS B 308 -2.81 8.16 -18.36
N SER B 309 -1.75 7.62 -18.95
CA SER B 309 -0.42 8.22 -19.05
C SER B 309 -0.23 9.11 -20.26
N ALA B 310 -1.32 9.40 -21.05
CA ALA B 310 -1.23 10.25 -22.25
C ALA B 310 -0.51 11.57 -21.96
N THR B 311 0.42 11.94 -22.83
CA THR B 311 1.17 13.20 -22.70
C THR B 311 0.28 14.26 -23.32
N SER B 312 -0.71 14.72 -22.52
CA SER B 312 -1.76 15.65 -22.87
C SER B 312 -1.38 17.13 -22.86
N ARG B 313 -0.22 17.49 -22.27
CA ARG B 313 0.27 18.87 -22.25
C ARG B 313 1.64 18.90 -22.92
N LEU B 314 1.74 19.61 -24.07
CA LEU B 314 2.97 19.78 -24.86
C LEU B 314 3.60 21.07 -24.35
N ILE B 315 4.85 21.00 -23.87
CA ILE B 315 5.58 22.16 -23.33
C ILE B 315 6.78 22.28 -24.26
N VAL B 316 6.71 23.25 -25.20
CA VAL B 316 7.67 23.37 -26.29
C VAL B 316 8.55 24.64 -26.23
N GLN B 317 9.85 24.48 -26.46
CA GLN B 317 10.81 25.59 -26.38
C GLN B 317 10.54 26.60 -27.49
N GLU B 318 10.46 27.88 -27.11
CA GLU B 318 10.11 28.98 -28.01
C GLU B 318 10.89 29.12 -29.33
N ASN B 319 12.14 28.64 -29.39
CA ASN B 319 12.95 28.71 -30.60
C ASN B 319 12.48 27.75 -31.69
N ILE B 320 11.90 26.60 -31.29
CA ILE B 320 11.38 25.63 -32.26
C ILE B 320 9.89 25.55 -32.27
N ALA B 321 9.19 26.22 -31.33
CA ALA B 321 7.73 26.13 -31.24
C ALA B 321 7.02 26.27 -32.60
N SER B 322 7.30 27.37 -33.33
CA SER B 322 6.66 27.57 -34.63
C SER B 322 6.87 26.45 -35.64
N ALA B 323 8.12 26.02 -35.85
CA ALA B 323 8.41 24.95 -36.82
C ALA B 323 7.88 23.60 -36.33
N PHE B 324 7.99 23.34 -35.00
CA PHE B 324 7.50 22.08 -34.45
C PHE B 324 5.98 22.02 -34.56
N MET B 325 5.27 23.12 -34.23
CA MET B 325 3.80 23.17 -34.36
C MET B 325 3.32 22.91 -35.79
N ASP B 326 4.09 23.41 -36.79
CA ASP B 326 3.79 23.21 -38.21
C ASP B 326 3.82 21.72 -38.52
N ARG B 327 4.95 21.04 -38.21
CA ARG B 327 5.08 19.60 -38.46
C ARG B 327 4.02 18.79 -37.69
N LEU B 328 3.71 19.21 -36.46
CA LEU B 328 2.70 18.55 -35.61
C LEU B 328 1.31 18.62 -36.25
N LEU B 329 0.91 19.82 -36.70
CA LEU B 329 -0.38 20.05 -37.36
C LEU B 329 -0.50 19.22 -38.66
N LYS B 330 0.61 19.12 -39.43
CA LYS B 330 0.63 18.38 -40.70
C LYS B 330 0.50 16.88 -40.49
N TRP B 331 1.19 16.36 -39.46
CA TRP B 331 1.08 14.95 -39.10
C TRP B 331 -0.33 14.64 -38.59
N THR B 332 -0.90 15.55 -37.76
CA THR B 332 -2.23 15.41 -37.13
C THR B 332 -3.35 15.36 -38.18
N LYS B 333 -3.32 16.30 -39.17
CA LYS B 333 -4.35 16.33 -40.20
C LYS B 333 -4.26 15.13 -41.16
N ASN B 334 -3.16 14.35 -41.07
CA ASN B 334 -2.97 13.15 -41.87
C ASN B 334 -3.46 11.84 -41.18
N ILE B 335 -3.94 11.95 -39.94
CA ILE B 335 -4.45 10.79 -39.18
C ILE B 335 -5.75 10.34 -39.79
N LYS B 336 -5.78 9.09 -40.27
CA LYS B 336 -6.97 8.49 -40.84
C LYS B 336 -7.98 8.15 -39.76
N ILE B 337 -9.14 8.80 -39.82
CA ILE B 337 -10.23 8.51 -38.92
C ILE B 337 -11.33 7.77 -39.69
N SER B 338 -11.65 6.56 -39.24
CA SER B 338 -12.59 5.71 -39.99
C SER B 338 -13.12 4.60 -39.12
N ASP B 339 -13.77 3.62 -39.74
CA ASP B 339 -14.25 2.46 -39.02
C ASP B 339 -13.02 1.77 -38.37
N PRO B 340 -13.06 1.44 -37.06
CA PRO B 340 -11.87 0.81 -36.42
C PRO B 340 -11.43 -0.53 -37.00
N LEU B 341 -12.35 -1.26 -37.66
CA LEU B 341 -12.01 -2.55 -38.24
C LEU B 341 -11.16 -2.46 -39.49
N GLU B 342 -11.06 -1.27 -40.09
CA GLU B 342 -10.19 -1.06 -41.24
C GLU B 342 -8.75 -1.19 -40.74
N GLU B 343 -7.94 -2.02 -41.42
CA GLU B 343 -6.57 -2.33 -41.05
C GLU B 343 -5.64 -1.09 -40.95
N ASP B 344 -5.96 -0.03 -41.71
CA ASP B 344 -5.20 1.21 -41.77
C ASP B 344 -5.83 2.34 -40.97
N CYS B 345 -6.87 2.03 -40.18
CA CYS B 345 -7.47 3.05 -39.33
C CYS B 345 -6.45 3.50 -38.29
N LYS B 346 -6.35 4.82 -38.06
CA LYS B 346 -5.42 5.38 -37.07
C LYS B 346 -6.13 6.02 -35.89
N LEU B 347 -7.44 6.27 -36.06
CA LEU B 347 -8.25 6.86 -35.02
C LEU B 347 -9.65 6.29 -35.02
N GLY B 348 -10.03 5.68 -33.90
CA GLY B 348 -11.35 5.10 -33.72
C GLY B 348 -12.24 6.09 -33.00
N PRO B 349 -13.49 5.77 -32.70
CA PRO B 349 -14.32 6.71 -31.92
C PRO B 349 -13.93 6.64 -30.42
N VAL B 350 -14.50 7.52 -29.58
CA VAL B 350 -14.37 7.35 -28.13
C VAL B 350 -15.34 6.19 -27.79
N VAL B 351 -15.22 5.58 -26.59
CA VAL B 351 -15.96 4.39 -26.18
C VAL B 351 -17.50 4.51 -26.07
N SER B 352 -18.03 5.68 -25.69
CA SER B 352 -19.46 5.81 -25.43
C SER B 352 -19.99 7.22 -25.69
N ALA B 353 -21.34 7.38 -25.67
CA ALA B 353 -22.00 8.68 -25.85
C ALA B 353 -21.65 9.61 -24.69
N GLY B 354 -21.60 9.03 -23.49
CA GLY B 354 -21.27 9.75 -22.27
C GLY B 354 -19.88 10.36 -22.36
N GLN B 355 -18.91 9.56 -22.85
CA GLN B 355 -17.53 10.03 -23.06
C GLN B 355 -17.46 11.03 -24.20
N TYR B 356 -18.22 10.80 -25.28
CA TYR B 356 -18.28 11.73 -26.40
C TYR B 356 -18.71 13.13 -25.93
N GLU B 357 -19.77 13.19 -25.11
CA GLU B 357 -20.29 14.46 -24.59
C GLU B 357 -19.32 15.14 -23.65
N LYS B 358 -18.70 14.36 -22.74
CA LYS B 358 -17.68 14.85 -21.81
C LYS B 358 -16.51 15.47 -22.57
N VAL B 359 -16.00 14.80 -23.62
CA VAL B 359 -14.85 15.30 -24.38
C VAL B 359 -15.20 16.59 -25.16
N LEU B 360 -16.34 16.62 -25.88
CA LEU B 360 -16.77 17.82 -26.60
C LEU B 360 -16.98 19.02 -25.64
N LYS B 361 -17.44 18.76 -24.40
CA LYS B 361 -17.64 19.78 -23.35
C LYS B 361 -16.30 20.42 -22.92
N PHE B 362 -15.22 19.61 -22.80
CA PHE B 362 -13.87 20.10 -22.49
C PHE B 362 -13.37 21.03 -23.59
N ILE B 363 -13.58 20.62 -24.87
CA ILE B 363 -13.19 21.40 -26.05
C ILE B 363 -13.98 22.73 -26.12
N SER B 364 -15.30 22.70 -25.83
CA SER B 364 -16.12 23.92 -25.87
C SER B 364 -15.79 24.85 -24.71
N ASN B 365 -15.49 24.30 -23.52
CA ASN B 365 -15.09 25.09 -22.36
C ASN B 365 -13.75 25.79 -22.61
N ALA B 366 -12.85 25.16 -23.39
CA ALA B 366 -11.54 25.75 -23.75
C ALA B 366 -11.74 26.98 -24.65
N LYS B 367 -12.70 26.89 -25.60
CA LYS B 367 -13.06 27.98 -26.52
C LYS B 367 -13.61 29.15 -25.70
N SER B 368 -14.50 28.86 -24.74
CA SER B 368 -15.13 29.86 -23.88
C SER B 368 -14.19 30.47 -22.82
N GLU B 369 -12.98 29.92 -22.67
CA GLU B 369 -11.99 30.43 -21.71
C GLU B 369 -10.90 31.27 -22.41
N GLY B 370 -11.01 31.38 -23.74
CA GLY B 370 -10.09 32.16 -24.55
C GLY B 370 -9.02 31.40 -25.29
N ALA B 371 -9.01 30.04 -25.17
CA ALA B 371 -8.00 29.24 -25.87
C ALA B 371 -8.30 29.13 -27.37
N THR B 372 -7.27 28.82 -28.16
CA THR B 372 -7.36 28.69 -29.61
C THR B 372 -7.35 27.22 -30.06
N ILE B 373 -8.31 26.85 -30.94
CA ILE B 373 -8.38 25.50 -31.51
C ILE B 373 -7.55 25.57 -32.76
N LEU B 374 -6.33 25.04 -32.71
CA LEU B 374 -5.42 25.07 -33.84
C LEU B 374 -5.82 24.10 -34.94
N CYS B 375 -6.50 23.00 -34.55
CA CYS B 375 -7.07 21.97 -35.42
C CYS B 375 -8.03 21.07 -34.65
N GLY B 376 -8.91 20.39 -35.38
CA GLY B 376 -9.89 19.49 -34.79
C GLY B 376 -10.95 20.21 -34.02
N GLY B 377 -11.37 19.60 -32.93
CA GLY B 377 -12.39 20.15 -32.04
C GLY B 377 -13.83 19.90 -32.44
N GLU B 378 -14.02 19.21 -33.60
CA GLU B 378 -15.32 18.88 -34.18
C GLU B 378 -15.40 17.37 -34.40
N ARG B 379 -16.52 16.91 -34.98
CA ARG B 379 -16.66 15.53 -35.39
C ARG B 379 -16.28 15.48 -36.87
N PRO B 380 -15.64 14.39 -37.37
CA PRO B 380 -15.30 14.35 -38.81
C PRO B 380 -16.52 14.46 -39.72
N GLN B 381 -16.35 15.14 -40.88
CA GLN B 381 -17.41 15.38 -41.85
C GLN B 381 -17.98 14.10 -42.46
N HIS B 382 -17.11 13.19 -42.94
CA HIS B 382 -17.52 11.93 -43.59
C HIS B 382 -18.15 10.88 -42.66
N LEU B 383 -18.15 11.09 -41.33
CA LEU B 383 -18.68 10.09 -40.39
C LEU B 383 -19.90 10.63 -39.64
N LYS B 384 -21.10 10.29 -40.13
CA LYS B 384 -22.37 10.77 -39.55
C LYS B 384 -22.75 10.05 -38.27
N LYS B 385 -22.37 8.77 -38.14
CA LYS B 385 -22.63 7.95 -36.95
C LYS B 385 -21.31 7.56 -36.23
N GLY B 386 -21.40 7.31 -34.93
CA GLY B 386 -20.25 6.95 -34.11
C GLY B 386 -19.76 8.11 -33.28
N TYR B 387 -19.15 7.82 -32.13
CA TYR B 387 -18.66 8.85 -31.22
C TYR B 387 -17.26 9.31 -31.62
N TYR B 388 -17.15 9.78 -32.86
CA TYR B 388 -15.91 10.25 -33.44
C TYR B 388 -15.60 11.68 -33.08
N VAL B 389 -14.38 11.89 -32.58
CA VAL B 389 -13.89 13.21 -32.21
C VAL B 389 -12.58 13.39 -32.99
N GLN B 390 -12.46 14.51 -33.75
CA GLN B 390 -11.23 14.79 -34.49
C GLN B 390 -10.04 15.00 -33.53
N PRO B 391 -8.78 14.64 -33.92
CA PRO B 391 -7.63 14.98 -33.04
C PRO B 391 -7.55 16.51 -32.95
N THR B 392 -7.53 17.01 -31.72
CA THR B 392 -7.60 18.42 -31.40
C THR B 392 -6.33 18.96 -30.74
N ILE B 393 -5.79 20.03 -31.30
CA ILE B 393 -4.61 20.73 -30.77
C ILE B 393 -5.08 22.10 -30.32
N ILE B 394 -4.91 22.39 -29.01
CA ILE B 394 -5.35 23.63 -28.39
C ILE B 394 -4.14 24.49 -27.96
N THR B 395 -4.08 25.73 -28.48
CA THR B 395 -3.01 26.68 -28.20
C THR B 395 -3.55 27.91 -27.49
N ASP B 396 -2.66 28.87 -27.16
CA ASP B 396 -2.98 30.11 -26.43
C ASP B 396 -3.69 29.75 -25.12
N VAL B 397 -3.05 28.80 -24.40
CA VAL B 397 -3.51 28.19 -23.15
C VAL B 397 -2.80 28.83 -21.97
N ASN B 398 -3.55 29.12 -20.91
CA ASN B 398 -2.95 29.62 -19.69
C ASN B 398 -3.19 28.61 -18.55
N THR B 399 -2.30 28.62 -17.56
CA THR B 399 -2.30 27.69 -16.43
C THR B 399 -3.61 27.57 -15.62
N SER B 400 -4.48 28.60 -15.69
CA SER B 400 -5.73 28.61 -14.93
C SER B 400 -6.88 27.92 -15.64
N MET B 401 -6.69 27.56 -16.91
CA MET B 401 -7.70 26.92 -17.75
C MET B 401 -7.94 25.47 -17.36
N GLU B 402 -9.21 25.04 -17.45
CA GLU B 402 -9.69 23.68 -17.17
C GLU B 402 -8.95 22.67 -18.05
N ILE B 403 -8.71 23.04 -19.33
CA ILE B 403 -8.05 22.17 -20.30
C ILE B 403 -6.63 21.83 -19.86
N TRP B 404 -5.96 22.77 -19.17
CA TRP B 404 -4.60 22.57 -18.68
C TRP B 404 -4.59 21.70 -17.43
N LYS B 405 -5.59 21.87 -16.55
CA LYS B 405 -5.65 21.18 -15.25
C LYS B 405 -6.29 19.81 -15.25
N GLU B 406 -7.36 19.60 -16.04
CA GLU B 406 -8.16 18.38 -16.00
C GLU B 406 -7.88 17.37 -17.09
N GLU B 407 -7.93 16.08 -16.73
CA GLU B 407 -7.75 14.98 -17.68
C GLU B 407 -9.01 14.92 -18.56
N VAL B 408 -8.84 15.04 -19.88
CA VAL B 408 -9.94 15.03 -20.85
C VAL B 408 -10.34 13.61 -21.20
N PHE B 409 -9.37 12.68 -21.34
CA PHE B 409 -9.62 11.28 -21.77
C PHE B 409 -10.18 11.22 -23.18
N GLY B 410 -9.68 12.14 -24.01
CA GLY B 410 -10.06 12.27 -25.40
C GLY B 410 -8.84 12.63 -26.21
N PRO B 411 -8.95 12.68 -27.57
CA PRO B 411 -7.75 12.98 -28.39
C PRO B 411 -7.52 14.50 -28.46
N VAL B 412 -7.19 15.08 -27.29
CA VAL B 412 -7.07 16.51 -27.10
C VAL B 412 -5.74 16.89 -26.46
N LEU B 413 -4.93 17.65 -27.21
CA LEU B 413 -3.64 18.13 -26.77
C LEU B 413 -3.65 19.63 -26.57
N CYS B 414 -3.13 20.09 -25.41
CA CYS B 414 -2.97 21.51 -25.18
C CYS B 414 -1.49 21.87 -25.14
N VAL B 415 -1.14 23.10 -25.57
CA VAL B 415 0.25 23.52 -25.78
C VAL B 415 0.60 24.83 -25.02
N LYS B 416 1.80 24.85 -24.42
CA LYS B 416 2.41 26.02 -23.81
C LYS B 416 3.87 26.06 -24.24
N THR B 417 4.43 27.27 -24.35
CA THR B 417 5.81 27.49 -24.75
C THR B 417 6.65 27.82 -23.52
N PHE B 418 7.97 27.71 -23.66
CA PHE B 418 8.89 28.10 -22.57
C PHE B 418 10.20 28.58 -23.16
N LYS B 419 11.00 29.34 -22.38
CA LYS B 419 12.31 29.73 -22.86
C LYS B 419 13.34 28.89 -22.15
N THR B 420 13.29 28.87 -20.81
CA THR B 420 14.30 28.19 -20.00
C THR B 420 13.86 26.85 -19.48
N GLU B 421 14.86 25.98 -19.23
CA GLU B 421 14.69 24.67 -18.63
C GLU B 421 13.91 24.76 -17.30
N GLU B 422 14.22 25.77 -16.44
CA GLU B 422 13.53 26.02 -15.17
C GLU B 422 12.02 26.25 -15.37
N GLN B 423 11.65 27.04 -16.40
CA GLN B 423 10.24 27.32 -16.71
C GLN B 423 9.53 26.03 -17.17
N ALA B 424 10.22 25.21 -17.97
CA ALA B 424 9.69 23.93 -18.51
C ALA B 424 9.36 22.98 -17.35
N ILE B 425 10.28 22.83 -16.35
CA ILE B 425 10.10 21.95 -15.18
C ILE B 425 8.91 22.43 -14.37
N GLU B 426 8.83 23.77 -14.14
CA GLU B 426 7.74 24.39 -13.38
C GLU B 426 6.38 24.11 -14.05
N LEU B 427 6.31 24.27 -15.38
CA LEU B 427 5.09 23.97 -16.14
C LEU B 427 4.80 22.47 -16.13
N ALA B 428 5.86 21.63 -16.37
CA ALA B 428 5.73 20.19 -16.32
C ALA B 428 5.13 19.73 -14.98
N ASN B 429 5.63 20.28 -13.84
CA ASN B 429 5.15 19.90 -12.51
C ASN B 429 3.91 20.62 -12.03
N ASP B 430 3.37 21.53 -12.85
CA ASP B 430 2.17 22.30 -12.52
C ASP B 430 0.91 21.47 -12.83
N THR B 431 0.71 20.45 -12.01
CA THR B 431 -0.41 19.50 -12.09
C THR B 431 -0.57 18.85 -10.72
N LYS B 432 -1.80 18.46 -10.41
CA LYS B 432 -2.10 17.73 -9.20
C LYS B 432 -1.79 16.23 -9.45
N TYR B 433 -1.68 15.82 -10.73
CA TYR B 433 -1.39 14.42 -11.10
C TYR B 433 0.10 14.16 -11.08
N GLY B 434 0.48 12.91 -11.34
CA GLY B 434 1.89 12.52 -11.37
C GLY B 434 2.11 11.12 -11.89
N LEU B 435 1.57 10.83 -13.10
CA LEU B 435 1.73 9.50 -13.70
C LEU B 435 3.00 9.38 -14.54
N GLY B 436 2.99 9.96 -15.72
CA GLY B 436 4.12 9.92 -16.62
C GLY B 436 4.60 11.31 -16.98
N ALA B 437 5.64 11.37 -17.79
CA ALA B 437 6.22 12.59 -18.35
C ALA B 437 7.23 12.17 -19.39
N ALA B 438 7.44 13.01 -20.40
CA ALA B 438 8.42 12.74 -21.44
C ALA B 438 9.28 13.97 -21.68
N VAL B 439 10.56 13.73 -21.96
CA VAL B 439 11.52 14.79 -22.31
C VAL B 439 12.12 14.42 -23.67
N MET B 440 12.09 15.36 -24.62
CA MET B 440 12.62 15.17 -25.97
C MET B 440 13.76 16.17 -26.08
N SER B 441 15.01 15.67 -26.09
CA SER B 441 16.22 16.48 -26.15
C SER B 441 17.41 15.60 -26.44
N LYS B 442 18.39 16.14 -27.15
CA LYS B 442 19.61 15.40 -27.47
C LYS B 442 20.61 15.49 -26.27
N ASP B 443 20.40 16.46 -25.38
CA ASP B 443 21.24 16.76 -24.21
C ASP B 443 21.03 15.73 -23.10
N VAL B 444 22.00 14.82 -22.95
CA VAL B 444 22.02 13.72 -21.97
C VAL B 444 21.89 14.19 -20.51
N LYS B 445 22.68 15.21 -20.09
CA LYS B 445 22.60 15.70 -18.72
C LYS B 445 21.26 16.36 -18.42
N ARG B 446 20.70 17.06 -19.43
CA ARG B 446 19.39 17.67 -19.28
C ARG B 446 18.31 16.59 -19.07
N CYS B 447 18.35 15.53 -19.89
CA CYS B 447 17.41 14.39 -19.78
C CYS B 447 17.48 13.75 -18.39
N GLU B 448 18.71 13.62 -17.86
CA GLU B 448 18.89 13.08 -16.49
C GLU B 448 18.32 14.03 -15.43
N ARG B 449 18.49 15.37 -15.60
CA ARG B 449 17.92 16.36 -14.66
C ARG B 449 16.38 16.23 -14.64
N PHE B 450 15.77 16.07 -15.83
CA PHE B 450 14.31 15.92 -15.93
C PHE B 450 13.81 14.63 -15.30
N THR B 451 14.59 13.55 -15.40
CA THR B 451 14.30 12.24 -14.82
C THR B 451 14.10 12.41 -13.30
N LYS B 452 14.95 13.24 -12.67
CA LYS B 452 14.88 13.51 -11.22
C LYS B 452 13.79 14.54 -10.91
N ALA B 453 13.74 15.64 -11.67
CA ALA B 453 12.81 16.73 -11.43
C ALA B 453 11.34 16.40 -11.72
N PHE B 454 11.01 15.61 -12.78
CA PHE B 454 9.59 15.29 -13.08
C PHE B 454 8.95 14.62 -11.84
N GLN B 455 7.79 15.12 -11.38
CA GLN B 455 7.13 14.59 -10.17
C GLN B 455 6.17 13.44 -10.54
N THR B 456 6.75 12.37 -11.07
CA THR B 456 6.00 11.23 -11.63
C THR B 456 6.51 9.84 -11.22
N GLY B 457 5.82 8.80 -11.72
CA GLY B 457 6.17 7.40 -11.54
C GLY B 457 6.83 6.84 -12.80
N ILE B 458 6.62 7.52 -13.95
CA ILE B 458 7.17 7.07 -15.25
C ILE B 458 7.81 8.24 -15.99
N ILE B 459 8.97 8.01 -16.58
CA ILE B 459 9.62 9.04 -17.39
C ILE B 459 10.04 8.41 -18.69
N TRP B 460 9.66 9.06 -19.81
CA TRP B 460 10.08 8.68 -21.14
C TRP B 460 11.12 9.67 -21.68
N ILE B 461 12.20 9.16 -22.28
CA ILE B 461 13.25 9.99 -22.88
C ILE B 461 13.24 9.76 -24.39
N ASN B 462 13.00 10.81 -25.16
CA ASN B 462 12.98 10.74 -26.63
C ASN B 462 11.92 9.77 -27.20
N CYS B 463 10.80 9.65 -26.46
CA CYS B 463 9.61 8.88 -26.84
C CYS B 463 8.49 9.27 -25.87
N SER B 464 7.33 8.65 -26.05
CA SER B 464 6.20 8.83 -25.16
C SER B 464 5.39 7.57 -25.26
N GLN B 465 5.10 6.92 -24.10
CA GLN B 465 4.24 5.71 -23.95
C GLN B 465 4.84 4.30 -23.86
N PRO B 466 5.93 3.91 -24.59
CA PRO B 466 6.36 2.50 -24.52
C PRO B 466 6.69 1.99 -23.14
N THR B 467 6.29 0.74 -22.91
CA THR B 467 6.62 0.06 -21.66
C THR B 467 6.85 -1.42 -21.87
N PHE B 468 7.41 -2.07 -20.84
CA PHE B 468 7.77 -3.47 -20.88
C PHE B 468 7.31 -4.10 -19.60
N ASN B 469 6.99 -5.39 -19.65
CA ASN B 469 6.51 -6.13 -18.48
C ASN B 469 7.47 -6.12 -17.31
N GLU B 470 8.78 -6.01 -17.57
CA GLU B 470 9.84 -6.06 -16.57
C GLU B 470 9.87 -4.78 -15.71
N LEU B 471 9.12 -3.72 -16.11
CA LEU B 471 9.20 -2.43 -15.43
C LEU B 471 7.99 -2.10 -14.54
N PRO B 472 8.22 -1.39 -13.41
CA PRO B 472 7.09 -0.99 -12.56
C PRO B 472 6.31 0.15 -13.20
N TRP B 473 4.97 0.05 -13.19
CA TRP B 473 4.06 1.02 -13.79
C TRP B 473 3.14 1.59 -12.70
N GLY B 474 3.11 2.90 -12.58
CA GLY B 474 2.26 3.56 -11.61
C GLY B 474 2.72 4.99 -11.40
N GLY B 475 1.94 5.75 -10.67
CA GLY B 475 2.28 7.15 -10.44
C GLY B 475 2.27 7.58 -9.01
N LYS B 476 2.15 8.88 -8.80
CA LYS B 476 2.15 9.49 -7.47
C LYS B 476 1.22 10.70 -7.51
N LYS B 477 1.08 11.40 -6.39
CA LYS B 477 0.20 12.57 -6.29
C LYS B 477 -1.24 12.11 -6.58
N ARG B 478 -2.04 12.88 -7.35
CA ARG B 478 -3.42 12.42 -7.62
C ARG B 478 -3.56 11.29 -8.64
N SER B 479 -2.43 10.77 -9.15
CA SER B 479 -2.47 9.62 -10.04
C SER B 479 -2.52 8.27 -9.24
N GLY B 480 -2.46 8.38 -7.91
CA GLY B 480 -2.57 7.22 -7.03
C GLY B 480 -1.27 6.70 -6.44
N PHE B 481 -1.22 5.37 -6.27
CA PHE B 481 -0.11 4.69 -5.61
C PHE B 481 -0.14 3.20 -5.90
N GLY B 482 1.01 2.54 -5.67
CA GLY B 482 1.19 1.14 -5.97
C GLY B 482 1.77 1.04 -7.36
N ARG B 483 2.43 -0.09 -7.64
CA ARG B 483 2.99 -0.31 -8.96
C ARG B 483 2.45 -1.57 -9.58
N ASP B 484 2.12 -1.51 -10.87
CA ASP B 484 1.74 -2.69 -11.65
C ASP B 484 2.99 -3.19 -12.38
N LEU B 485 2.93 -4.45 -12.86
CA LEU B 485 4.00 -5.07 -13.64
C LEU B 485 5.30 -5.31 -12.90
N GLY B 486 6.23 -5.95 -13.59
CA GLY B 486 7.53 -6.36 -13.05
C GLY B 486 7.32 -7.22 -11.82
N LYS B 487 8.34 -7.27 -10.95
CA LYS B 487 8.23 -8.03 -9.69
C LYS B 487 7.14 -7.45 -8.74
N TRP B 488 6.89 -6.13 -8.81
CA TRP B 488 5.89 -5.43 -8.00
C TRP B 488 4.49 -6.01 -8.18
N GLY B 489 4.10 -6.22 -9.43
CA GLY B 489 2.80 -6.80 -9.76
C GLY B 489 2.52 -8.08 -8.97
N LEU B 490 3.50 -8.97 -8.94
CA LEU B 490 3.36 -10.24 -8.21
C LEU B 490 3.42 -10.06 -6.68
N GLU B 491 4.38 -9.25 -6.19
CA GLU B 491 4.57 -9.00 -4.76
C GLU B 491 3.35 -8.33 -4.12
N ASN B 492 2.56 -7.59 -4.91
CA ASN B 492 1.29 -6.97 -4.42
C ASN B 492 0.32 -8.06 -3.96
N PHE B 493 0.47 -9.28 -4.50
CA PHE B 493 -0.41 -10.38 -4.21
C PHE B 493 0.16 -11.45 -3.26
N LEU B 494 1.17 -11.08 -2.47
CA LEU B 494 1.75 -12.01 -1.52
C LEU B 494 1.56 -11.51 -0.11
N ASN B 495 1.33 -12.42 0.83
CA ASN B 495 1.32 -12.08 2.24
C ASN B 495 2.71 -12.40 2.74
N ILE B 496 3.30 -11.49 3.50
CA ILE B 496 4.64 -11.68 4.01
C ILE B 496 4.58 -12.06 5.50
N LYS B 497 5.27 -13.13 5.83
CA LYS B 497 5.32 -13.63 7.19
C LYS B 497 6.75 -13.63 7.71
N GLN B 498 6.90 -13.23 8.97
CA GLN B 498 8.11 -13.33 9.72
C GLN B 498 7.95 -14.63 10.54
N VAL B 499 8.96 -15.51 10.49
CA VAL B 499 8.98 -16.73 11.29
C VAL B 499 10.23 -16.64 12.20
N THR B 500 10.02 -16.51 13.52
CA THR B 500 11.10 -16.34 14.51
C THR B 500 11.06 -17.46 15.53
N GLU B 501 12.14 -18.24 15.60
CA GLU B 501 12.25 -19.38 16.49
C GLU B 501 13.33 -19.21 17.56
N TYR B 502 12.98 -19.50 18.82
CA TYR B 502 13.87 -19.47 19.97
C TYR B 502 14.49 -20.86 20.03
N THR B 503 15.80 -20.94 19.80
CA THR B 503 16.57 -22.19 19.73
C THR B 503 17.34 -22.53 21.03
N SER B 504 17.54 -21.55 21.92
CA SER B 504 18.22 -21.73 23.20
C SER B 504 17.39 -22.58 24.14
N ALA B 505 18.06 -23.39 24.96
CA ALA B 505 17.43 -24.27 25.94
C ALA B 505 17.15 -23.52 27.25
N GLU B 506 17.75 -22.33 27.41
CA GLU B 506 17.66 -21.46 28.58
C GLU B 506 16.31 -20.75 28.73
N PRO B 507 15.88 -20.44 29.98
CA PRO B 507 14.64 -19.66 30.14
C PRO B 507 14.88 -18.22 29.70
N LEU B 508 13.79 -17.46 29.46
CA LEU B 508 13.87 -16.06 29.07
C LEU B 508 14.54 -15.23 30.19
N ALA B 509 14.20 -15.55 31.46
CA ALA B 509 14.73 -14.89 32.67
C ALA B 509 14.45 -13.38 32.72
N PHE B 510 13.20 -13.03 32.44
CA PHE B 510 12.69 -11.67 32.52
C PHE B 510 11.95 -11.57 33.86
N TYR B 511 11.11 -12.57 34.17
CA TYR B 511 10.30 -12.64 35.38
C TYR B 511 11.00 -13.45 36.49
N LYS B 512 10.54 -13.28 37.74
CA LYS B 512 11.05 -14.00 38.91
C LYS B 512 10.33 -15.34 39.04
N SER B 513 11.10 -16.44 38.94
CA SER B 513 10.64 -17.83 39.07
C SER B 513 9.96 -18.01 40.45
N PRO B 514 8.77 -18.67 40.52
CA PRO B 514 8.12 -18.87 41.83
C PRO B 514 8.77 -19.95 42.69
PA NAD C . -5.40 5.74 18.66
O1A NAD C . -5.55 4.73 17.53
O2A NAD C . -6.59 6.62 18.77
O5B NAD C . -4.14 6.66 18.47
C5B NAD C . -2.97 6.43 17.67
C4B NAD C . -2.51 7.77 17.15
O4B NAD C . -3.52 8.32 16.26
C3B NAD C . -2.23 8.86 18.19
O3B NAD C . -1.11 9.66 17.79
C2B NAD C . -3.53 9.67 18.17
O2B NAD C . -3.38 11.00 18.62
C1B NAD C . -3.86 9.62 16.67
N9A NAD C . -5.23 9.93 16.28
C8A NAD C . -6.37 9.75 17.00
N7A NAD C . -7.46 10.18 16.41
C5A NAD C . -7.00 10.66 15.19
C6A NAD C . -7.67 11.16 14.05
N6A NAD C . -9.00 11.34 13.98
N1A NAD C . -6.93 11.44 12.96
C2A NAD C . -5.60 11.27 13.02
N3A NAD C . -4.87 10.84 14.04
C4A NAD C . -5.63 10.53 15.10
O3 NAD C . -5.17 4.92 20.02
PN NAD C . -5.78 5.22 21.47
O1N NAD C . -5.12 6.63 21.84
O2N NAD C . -5.29 4.18 22.42
O5D NAD C . -7.23 5.46 21.36
NA NA D . 1.45 10.45 30.00
C1 PEG E . -8.43 -24.71 32.35
O1 PEG E . -7.46 -25.02 31.36
C2 PEG E . -9.82 -24.79 31.82
O2 PEG E . -10.06 -23.71 30.92
C3 PEG E . -11.41 -23.62 30.50
C4 PEG E . -11.49 -23.42 29.01
O4 PEG E . -11.89 -22.10 28.62
C1 EDO F . 15.28 -10.33 22.65
O1 EDO F . 15.07 -10.06 21.27
C2 EDO F . 13.96 -10.79 23.32
O2 EDO F . 14.04 -10.63 24.73
C1 1KA G . 2.85 -3.47 18.72
O1 1KA G . 2.39 -2.73 19.83
C2 1KA G . 3.62 -4.53 19.21
O2 1KA G . 4.87 -4.12 19.57
C3 1KA G . 5.81 -5.15 19.78
C4 1KA G . 7.21 -4.68 19.49
O4 1KA G . 8.19 -4.99 20.46
PA NAD H . -14.39 4.25 -13.71
O1A NAD H . -15.68 4.74 -13.14
O2A NAD H . -13.22 4.72 -12.90
O5B NAD H . -14.44 2.69 -13.83
C5B NAD H . -13.35 1.76 -13.65
C4B NAD H . -13.96 0.50 -13.08
O4B NAD H . -14.54 0.82 -11.78
C3B NAD H . -15.09 -0.12 -13.91
O3B NAD H . -14.98 -1.55 -13.90
C2B NAD H . -16.36 0.38 -13.18
O2B NAD H . -17.53 -0.39 -13.39
C1B NAD H . -15.87 0.34 -11.74
N9A NAD H . -16.64 1.17 -10.81
C8A NAD H . -17.33 2.32 -11.10
N7A NAD H . -17.98 2.82 -10.07
C5A NAD H . -17.69 1.95 -9.04
C6A NAD H . -18.03 1.95 -7.67
N6A NAD H . -18.76 2.90 -7.09
N1A NAD H . -17.53 0.95 -6.90
C2A NAD H . -16.77 0.02 -7.47
N3A NAD H . -16.38 -0.08 -8.74
C4A NAD H . -16.86 0.93 -9.47
O3 NAD H . -14.20 4.77 -15.21
PN NAD H . -15.33 5.30 -16.21
O1N NAD H . -14.45 5.79 -17.44
O2N NAD H . -16.03 6.45 -15.58
O5D NAD H . -16.16 4.16 -16.68
NA NA I . -18.76 -1.65 -25.66
C1 PEG J . 4.13 0.64 -29.14
O1 PEG J . 3.97 0.74 -27.72
C2 PEG J . 5.49 1.07 -29.58
O2 PEG J . 6.41 -0.01 -29.51
C3 PEG J . 7.15 -0.07 -28.30
C4 PEG J . 7.22 -1.48 -27.81
O4 PEG J . 7.42 -1.56 -26.40
C1 1KA K . -2.77 3.41 -18.97
C1 1KA K . -2.57 3.25 -19.22
O1 1KA K . -2.00 4.58 -19.08
O1 1KA K . -3.93 3.56 -19.40
C2 1KA K . -2.53 2.47 -20.11
C2 1KA K . -1.88 3.03 -20.53
O2 1KA K . -1.14 2.24 -20.25
O2 1KA K . -0.80 2.10 -20.39
C3 1KA K . -0.77 1.92 -21.58
C3 1KA K . -0.09 1.86 -21.58
C4 1KA K . -0.01 0.63 -21.63
C4 1KA K . -0.03 0.40 -21.88
O4 1KA K . 0.22 0.22 -22.96
O4 1KA K . -0.03 0.17 -23.28
#